data_6J1N
#
_entry.id   6J1N
#
_cell.length_a   108.347
_cell.length_b   108.347
_cell.length_c   191.485
_cell.angle_alpha   90.000
_cell.angle_beta   90.000
_cell.angle_gamma   120.000
#
_symmetry.space_group_name_H-M   'P 32 2 1'
#
loop_
_entity.id
_entity.type
_entity.pdbx_description
1 polymer 'A. acutangulus PKS2'
2 non-polymer '(3R,5R,9R)-1-[(2R,3S,4R,5R)-5-(6-amino-9H-purin-9-yl)-4-hydroxy-3-(phosphonooxy)tetrahydrofuran-2-yl]-3,5,9-trihydroxy-8,8-dimethyl-10,14,19,21-tetraoxo-2,4,6-trioxa-18-thia-11,15-diaza-3,5-diphosphatricosan-23-oic acid 3,5-dioxide (non-preferred name)'
3 water water
#
_entity_poly.entity_id   1
_entity_poly.type   'polypeptide(L)'
_entity_poly.pdbx_seq_one_letter_code
;MGSSHHHHHHSSGLVPRGSHMASMTGGQQMGRGSEFMKMGNGKQALKSQRSEGPALVLAIGTATPSHWIDQSSYPDYYFR
VTNSDHLVDLKEKFRRICSRTMIKKRHMLLTEEILKKNPNLCSFSEPSLDIRQDILVSEIPKLGKEAALKAIQEWAQPKS
TITHLVFCTRSGVDMPGADYQLIKLLGLGPSVQRLMMYQQGCFAGGTMLRLAKDLAENNKGARILVICAESSAIGFRGPS
ESHVDNLVAQALFGDGAAAIIVGSNPKPGLEKPVFEIVSAAQTFVPNGDCHLALHLREMGLTFHCTKDVPPTIAKNVESC
LTKALEPLGISDWNSLFWILHPGGNAIVDQVENKLGLEHEKLRATRNILRDFGNMSSACVLFILDEIRKKSARDGLKTTG
EGLDFGVLLSFGPGLTIETVVLHSKPI
;
_entity_poly.pdbx_strand_id   A,B
#
loop_
_chem_comp.id
_chem_comp.type
_chem_comp.name
_chem_comp.formula
B7X non-polymer '(3R,5R,9R)-1-[(2R,3S,4R,5R)-5-(6-amino-9H-purin-9-yl)-4-hydroxy-3-(phosphonooxy)tetrahydrofuran-2-yl]-3,5,9-trihydroxy-8,8-dimethyl-10,14,19,21-tetraoxo-2,4,6-trioxa-18-thia-11,15-diaza-3,5-diphosphatricosan-23-oic acid 3,5-dioxide (non-preferred name)' 'C26 H40 N7 O20 P3 S'
#
# COMPACT_ATOMS: atom_id res chain seq x y z
N GLN A 49 -19.82 5.31 -22.66
CA GLN A 49 -20.23 6.00 -23.88
C GLN A 49 -20.22 7.52 -23.71
N ARG A 50 -20.13 7.98 -22.47
CA ARG A 50 -20.19 9.41 -22.17
C ARG A 50 -18.81 10.06 -22.23
N SER A 51 -18.80 11.38 -22.43
CA SER A 51 -17.55 12.15 -22.38
C SER A 51 -17.12 12.41 -20.95
N GLU A 52 -18.05 12.72 -20.05
CA GLU A 52 -17.79 12.54 -18.62
C GLU A 52 -17.84 11.04 -18.37
N GLY A 53 -16.91 10.33 -18.99
CA GLY A 53 -16.94 8.90 -19.08
C GLY A 53 -15.70 8.24 -18.51
N PRO A 54 -15.26 7.19 -19.18
CA PRO A 54 -14.25 6.30 -18.59
C PRO A 54 -12.91 6.97 -18.45
N ALA A 55 -12.10 6.40 -17.56
CA ALA A 55 -10.75 6.88 -17.33
C ALA A 55 -9.88 6.63 -18.56
N LEU A 56 -9.03 7.61 -18.87
CA LEU A 56 -8.16 7.52 -20.03
C LEU A 56 -6.71 7.62 -19.60
N VAL A 57 -5.85 6.84 -20.24
CA VAL A 57 -4.41 7.03 -20.15
C VAL A 57 -4.06 8.20 -21.07
N LEU A 58 -3.61 9.30 -20.48
CA LEU A 58 -3.35 10.53 -21.21
C LEU A 58 -1.88 10.74 -21.55
N ALA A 59 -0.98 9.96 -20.96
CA ALA A 59 0.45 10.10 -21.19
C ALA A 59 1.16 8.95 -20.49
N ILE A 60 2.28 8.53 -21.07
CA ILE A 60 3.15 7.49 -20.53
C ILE A 60 4.59 7.95 -20.64
N GLY A 61 5.35 7.81 -19.56
CA GLY A 61 6.78 8.08 -19.58
C GLY A 61 7.51 6.99 -18.83
N THR A 62 8.76 6.76 -19.20
CA THR A 62 9.57 5.72 -18.58
C THR A 62 10.96 6.26 -18.27
N ALA A 63 11.65 5.57 -17.36
CA ALA A 63 13.00 5.95 -16.97
C ALA A 63 13.69 4.73 -16.38
N THR A 64 15.00 4.66 -16.56
CA THR A 64 15.81 3.59 -16.01
C THR A 64 17.07 4.19 -15.41
N PRO A 65 17.70 3.49 -14.46
CA PRO A 65 19.04 3.90 -14.04
C PRO A 65 20.00 3.90 -15.22
N SER A 66 20.97 4.83 -15.19
CA SER A 66 21.91 4.93 -16.30
C SER A 66 22.76 3.66 -16.42
N HIS A 67 23.23 3.12 -15.30
CA HIS A 67 24.09 1.94 -15.34
C HIS A 67 23.31 0.72 -15.82
N TRP A 68 23.94 -0.07 -16.69
CA TRP A 68 23.32 -1.24 -17.27
C TRP A 68 24.36 -2.34 -17.46
N ILE A 69 23.86 -3.58 -17.58
CA ILE A 69 24.70 -4.75 -17.75
C ILE A 69 24.06 -5.66 -18.79
N ASP A 70 24.87 -6.15 -19.73
CA ASP A 70 24.38 -7.08 -20.72
C ASP A 70 24.20 -8.46 -20.11
N GLN A 71 23.13 -9.15 -20.52
CA GLN A 71 22.83 -10.46 -19.94
C GLN A 71 23.87 -11.50 -20.38
N SER A 72 24.43 -11.34 -21.57
CA SER A 72 25.43 -12.30 -22.05
C SER A 72 26.64 -12.34 -21.12
N SER A 73 27.07 -11.18 -20.64
CA SER A 73 28.21 -11.09 -19.74
C SER A 73 27.81 -11.06 -18.27
N TYR A 74 26.53 -11.35 -17.94
CA TYR A 74 26.12 -11.20 -16.55
C TYR A 74 26.61 -12.34 -15.66
N PRO A 75 26.67 -13.61 -16.12
CA PRO A 75 27.25 -14.64 -15.25
C PRO A 75 28.67 -14.30 -14.79
N ASP A 76 29.52 -13.82 -15.71
CA ASP A 76 30.88 -13.44 -15.33
C ASP A 76 30.87 -12.31 -14.31
N TYR A 77 30.05 -11.28 -14.55
CA TYR A 77 29.98 -10.16 -13.62
C TYR A 77 29.49 -10.62 -12.25
N TYR A 78 28.42 -11.41 -12.23
CA TYR A 78 27.78 -11.81 -10.99
C TYR A 78 28.71 -12.67 -10.14
N PHE A 79 29.31 -13.70 -10.74
CA PHE A 79 30.20 -14.56 -9.96
C PHE A 79 31.53 -13.89 -9.64
N ARG A 80 31.97 -12.89 -10.43
CA ARG A 80 33.19 -12.20 -10.06
C ARG A 80 32.96 -11.21 -8.92
N VAL A 81 31.91 -10.39 -9.01
CA VAL A 81 31.73 -9.32 -8.05
C VAL A 81 31.26 -9.86 -6.69
N THR A 82 30.61 -11.03 -6.66
CA THR A 82 30.25 -11.67 -5.40
C THR A 82 31.32 -12.64 -4.92
N ASN A 83 32.50 -12.65 -5.56
CA ASN A 83 33.63 -13.49 -5.14
C ASN A 83 33.22 -14.96 -5.06
N SER A 84 32.60 -15.45 -6.14
CA SER A 84 32.08 -16.81 -6.18
C SER A 84 32.60 -17.59 -7.38
N ASP A 85 33.74 -17.19 -7.94
CA ASP A 85 34.24 -17.87 -9.13
C ASP A 85 34.75 -19.27 -8.85
N HIS A 86 34.90 -19.66 -7.58
CA HIS A 86 35.25 -21.04 -7.27
C HIS A 86 34.07 -22.00 -7.43
N LEU A 87 32.87 -21.48 -7.69
CA LEU A 87 31.67 -22.31 -7.83
C LEU A 87 31.39 -22.53 -9.32
N VAL A 88 32.21 -23.40 -9.92
CA VAL A 88 32.23 -23.53 -11.38
C VAL A 88 30.92 -24.11 -11.90
N ASP A 89 30.44 -25.19 -11.29
CA ASP A 89 29.22 -25.83 -11.78
C ASP A 89 28.00 -24.94 -11.57
N LEU A 90 27.94 -24.26 -10.42
CA LEU A 90 26.86 -23.31 -10.18
C LEU A 90 26.90 -22.17 -11.20
N LYS A 91 28.10 -21.71 -11.56
CA LYS A 91 28.22 -20.66 -12.56
C LYS A 91 27.73 -21.14 -13.92
N GLU A 92 28.00 -22.41 -14.26
CA GLU A 92 27.51 -22.95 -15.52
C GLU A 92 25.99 -23.06 -15.53
N LYS A 93 25.41 -23.48 -14.40
CA LYS A 93 23.96 -23.52 -14.29
C LYS A 93 23.35 -22.11 -14.45
N PHE A 94 24.01 -21.11 -13.86
CA PHE A 94 23.54 -19.74 -13.99
C PHE A 94 23.66 -19.25 -15.43
N ARG A 95 24.72 -19.66 -16.13
CA ARG A 95 24.85 -19.35 -17.55
C ARG A 95 23.67 -19.88 -18.34
N ARG A 96 23.28 -21.13 -18.08
CA ARG A 96 22.15 -21.70 -18.80
C ARG A 96 20.86 -20.95 -18.48
N ILE A 97 20.66 -20.60 -17.21
CA ILE A 97 19.47 -19.85 -16.82
C ILE A 97 19.41 -18.50 -17.56
N CYS A 98 20.52 -17.74 -17.50
CA CYS A 98 20.56 -16.45 -18.18
C CYS A 98 20.36 -16.60 -19.68
N SER A 99 20.89 -17.66 -20.28
CA SER A 99 20.67 -17.88 -21.70
C SER A 99 19.20 -18.12 -22.01
N ARG A 100 18.47 -18.76 -21.09
CA ARG A 100 17.07 -19.01 -21.33
C ARG A 100 16.16 -17.83 -20.98
N THR A 101 16.65 -16.81 -20.27
CA THR A 101 15.77 -15.70 -19.89
C THR A 101 15.26 -14.90 -21.09
N MET A 102 15.96 -14.91 -22.22
CA MET A 102 15.60 -14.08 -23.37
C MET A 102 15.71 -12.60 -23.05
N ILE A 103 16.60 -12.25 -22.13
CA ILE A 103 16.90 -10.88 -21.76
C ILE A 103 18.24 -10.52 -22.36
N LYS A 104 18.34 -9.33 -22.95
CA LYS A 104 19.60 -8.87 -23.51
C LYS A 104 20.35 -7.92 -22.59
N LYS A 105 19.65 -7.06 -21.85
CA LYS A 105 20.31 -6.17 -20.91
C LYS A 105 19.35 -5.81 -19.78
N ARG A 106 19.93 -5.35 -18.68
CA ARG A 106 19.15 -4.86 -17.55
C ARG A 106 19.81 -3.62 -16.99
N HIS A 107 19.00 -2.66 -16.57
CA HIS A 107 19.50 -1.47 -15.91
C HIS A 107 19.45 -1.66 -14.41
N MET A 108 20.46 -1.14 -13.72
CA MET A 108 20.71 -1.49 -12.33
C MET A 108 21.07 -0.27 -11.49
N LEU A 109 20.47 -0.13 -10.34
CA LEU A 109 20.85 0.90 -9.41
C LEU A 109 22.12 0.48 -8.70
N LEU A 110 22.35 -0.81 -8.53
CA LEU A 110 23.56 -1.29 -7.87
C LEU A 110 24.76 -1.23 -8.81
N THR A 111 25.79 -0.51 -8.41
CA THR A 111 27.04 -0.47 -9.15
C THR A 111 28.06 -1.38 -8.48
N GLU A 112 29.15 -1.64 -9.22
CA GLU A 112 30.26 -2.40 -8.65
C GLU A 112 30.80 -1.72 -7.38
N GLU A 113 30.88 -0.40 -7.38
CA GLU A 113 31.40 0.31 -6.21
C GLU A 113 30.50 0.12 -5.00
N ILE A 114 29.18 0.15 -5.20
CA ILE A 114 28.25 -0.07 -4.09
C ILE A 114 28.37 -1.49 -3.57
N LEU A 115 28.49 -2.47 -4.48
CA LEU A 115 28.63 -3.86 -4.04
C LEU A 115 29.92 -4.07 -3.27
N LYS A 116 31.03 -3.47 -3.73
CA LYS A 116 32.29 -3.65 -3.02
C LYS A 116 32.31 -2.92 -1.68
N LYS A 117 31.65 -1.77 -1.58
CA LYS A 117 31.60 -1.06 -0.32
C LYS A 117 30.70 -1.76 0.71
N ASN A 118 29.83 -2.68 0.27
CA ASN A 118 28.86 -3.34 1.15
C ASN A 118 28.89 -4.85 0.90
N PRO A 119 29.89 -5.54 1.43
CA PRO A 119 30.00 -6.99 1.15
C PRO A 119 28.81 -7.80 1.62
N ASN A 120 28.02 -7.33 2.59
CA ASN A 120 26.83 -8.07 2.99
C ASN A 120 25.85 -8.23 1.84
N LEU A 121 25.81 -7.26 0.92
CA LEU A 121 25.00 -7.42 -0.29
C LEU A 121 25.50 -8.56 -1.17
N CYS A 122 26.79 -8.88 -1.08
CA CYS A 122 27.35 -9.96 -1.89
C CYS A 122 27.29 -11.32 -1.21
N SER A 123 26.94 -11.38 0.07
CA SER A 123 26.69 -12.65 0.72
C SER A 123 25.32 -13.18 0.29
N PHE A 124 24.96 -14.36 0.80
CA PHE A 124 23.62 -14.85 0.51
C PHE A 124 22.61 -14.44 1.59
N SER A 125 23.01 -14.39 2.86
CA SER A 125 22.06 -14.28 3.96
C SER A 125 22.44 -13.31 5.06
N GLU A 126 23.60 -12.66 5.00
CA GLU A 126 24.00 -11.78 6.08
C GLU A 126 23.01 -10.60 6.16
N PRO A 127 22.83 -10.02 7.35
CA PRO A 127 21.91 -8.88 7.48
C PRO A 127 22.22 -7.79 6.47
N SER A 128 21.21 -7.42 5.68
CA SER A 128 21.42 -6.50 4.58
C SER A 128 20.26 -5.54 4.35
N LEU A 129 19.17 -5.64 5.11
CA LEU A 129 18.02 -4.79 4.84
C LEU A 129 18.33 -3.32 5.04
N ASP A 130 19.19 -2.98 6.00
CA ASP A 130 19.44 -1.57 6.29
C ASP A 130 20.12 -0.86 5.13
N ILE A 131 21.10 -1.51 4.49
CA ILE A 131 21.78 -0.84 3.38
C ILE A 131 20.88 -0.79 2.16
N ARG A 132 20.10 -1.86 1.92
CA ARG A 132 19.08 -1.83 0.87
C ARG A 132 18.10 -0.69 1.08
N GLN A 133 17.67 -0.46 2.32
CA GLN A 133 16.75 0.64 2.60
C GLN A 133 17.43 1.98 2.37
N ASP A 134 18.66 2.14 2.87
CA ASP A 134 19.39 3.39 2.64
C ASP A 134 19.49 3.72 1.15
N ILE A 135 19.68 2.70 0.32
CA ILE A 135 19.73 2.94 -1.12
C ILE A 135 18.35 3.26 -1.68
N LEU A 136 17.38 2.38 -1.40
CA LEU A 136 16.10 2.41 -2.11
C LEU A 136 15.22 3.58 -1.67
N VAL A 137 15.18 3.87 -0.37
CA VAL A 137 14.33 4.93 0.16
C VAL A 137 14.65 6.26 -0.52
N SER A 138 15.90 6.42 -0.97
CA SER A 138 16.29 7.62 -1.70
C SER A 138 16.17 7.46 -3.20
N GLU A 139 16.60 6.31 -3.76
CA GLU A 139 16.71 6.19 -5.20
C GLU A 139 15.37 5.94 -5.90
N ILE A 140 14.44 5.24 -5.26
CA ILE A 140 13.17 4.90 -5.91
C ILE A 140 12.34 6.15 -6.19
N PRO A 141 12.19 7.10 -5.25
CA PRO A 141 11.49 8.35 -5.61
C PRO A 141 12.16 9.12 -6.73
N LYS A 142 13.50 9.12 -6.82
CA LYS A 142 14.18 9.86 -7.88
C LYS A 142 13.88 9.26 -9.25
N LEU A 143 13.96 7.94 -9.35
CA LEU A 143 13.63 7.26 -10.60
C LEU A 143 12.17 7.49 -10.98
N GLY A 144 11.27 7.40 -10.00
CA GLY A 144 9.88 7.74 -10.25
C GLY A 144 9.71 9.15 -10.75
N LYS A 145 10.52 10.08 -10.23
CA LYS A 145 10.45 11.47 -10.67
C LYS A 145 10.88 11.60 -12.13
N GLU A 146 11.91 10.87 -12.53
CA GLU A 146 12.36 10.95 -13.92
C GLU A 146 11.26 10.46 -14.86
N ALA A 147 10.67 9.30 -14.54
CA ALA A 147 9.55 8.80 -15.35
C ALA A 147 8.39 9.80 -15.36
N ALA A 148 8.09 10.40 -14.21
CA ALA A 148 6.98 11.35 -14.13
C ALA A 148 7.25 12.58 -14.99
N LEU A 149 8.48 13.07 -14.99
CA LEU A 149 8.82 14.22 -15.83
C LEU A 149 8.57 13.90 -17.29
N LYS A 150 8.97 12.70 -17.74
CA LYS A 150 8.69 12.32 -19.12
C LYS A 150 7.18 12.26 -19.40
N ALA A 151 6.41 11.71 -18.46
CA ALA A 151 4.97 11.59 -18.68
C ALA A 151 4.31 12.96 -18.73
N ILE A 152 4.69 13.86 -17.81
CA ILE A 152 4.14 15.20 -17.78
C ILE A 152 4.53 15.97 -19.03
N GLN A 153 5.74 15.71 -19.55
CA GLN A 153 6.18 16.36 -20.78
C GLN A 153 5.30 15.97 -21.95
N GLU A 154 4.99 14.67 -22.08
CA GLU A 154 4.03 14.26 -23.12
C GLU A 154 2.66 14.87 -22.87
N TRP A 155 2.20 14.84 -21.61
CA TRP A 155 0.88 15.35 -21.26
C TRP A 155 0.74 16.82 -21.64
N ALA A 156 1.80 17.60 -21.43
CA ALA A 156 1.89 19.01 -21.83
C ALA A 156 0.93 19.92 -21.05
N GLN A 157 0.39 19.45 -19.95
CA GLN A 157 -0.37 20.32 -19.06
C GLN A 157 0.48 20.69 -17.85
N PRO A 158 0.17 21.79 -17.18
CA PRO A 158 1.00 22.19 -16.03
C PRO A 158 0.91 21.16 -14.91
N LYS A 159 2.07 20.84 -14.33
CA LYS A 159 2.10 19.81 -13.29
C LYS A 159 1.26 20.19 -12.08
N SER A 160 1.03 21.48 -11.85
CA SER A 160 0.17 21.91 -10.75
C SER A 160 -1.29 21.50 -10.94
N THR A 161 -1.64 21.04 -12.14
CA THR A 161 -2.97 20.52 -12.45
C THR A 161 -3.17 19.09 -11.95
N ILE A 162 -2.08 18.39 -11.64
CA ILE A 162 -2.21 17.05 -11.09
C ILE A 162 -2.88 17.12 -9.73
N THR A 163 -3.97 16.38 -9.56
CA THR A 163 -4.74 16.39 -8.32
C THR A 163 -4.49 15.18 -7.46
N HIS A 164 -4.09 14.04 -8.06
CA HIS A 164 -3.85 12.83 -7.30
C HIS A 164 -2.52 12.22 -7.70
N LEU A 165 -1.87 11.57 -6.73
CA LEU A 165 -0.64 10.82 -6.95
C LEU A 165 -0.81 9.43 -6.37
N VAL A 166 -0.53 8.42 -7.17
CA VAL A 166 -0.48 7.03 -6.74
C VAL A 166 0.95 6.54 -6.99
N PHE A 167 1.62 6.09 -5.94
CA PHE A 167 2.98 5.58 -6.06
C PHE A 167 3.00 4.12 -5.69
N CYS A 168 3.71 3.30 -6.48
CA CYS A 168 3.67 1.85 -6.33
C CYS A 168 5.06 1.29 -6.45
N THR A 169 5.47 0.51 -5.45
CA THR A 169 6.77 -0.14 -5.46
C THR A 169 6.77 -1.33 -4.50
N ARG A 170 7.69 -2.25 -4.74
CA ARG A 170 7.99 -3.32 -3.80
C ARG A 170 9.44 -3.26 -3.34
N SER A 171 10.15 -2.19 -3.67
CA SER A 171 11.58 -2.05 -3.41
C SER A 171 11.79 -1.02 -2.30
N GLY A 172 11.68 -1.48 -1.05
CA GLY A 172 11.85 -0.62 0.10
C GLY A 172 10.54 0.00 0.56
N VAL A 173 10.52 0.38 1.84
CA VAL A 173 9.37 1.05 2.45
C VAL A 173 9.88 2.08 3.43
N ASP A 174 9.05 3.08 3.71
CA ASP A 174 9.43 4.16 4.61
C ASP A 174 8.16 4.94 4.98
N MET A 175 8.23 5.67 6.08
CA MET A 175 7.12 6.48 6.57
C MET A 175 7.66 7.84 6.96
N PRO A 176 7.25 8.94 6.29
CA PRO A 176 6.33 8.95 5.15
C PRO A 176 6.97 8.30 3.93
N GLY A 177 6.15 7.91 2.95
CA GLY A 177 6.58 7.04 1.88
C GLY A 177 7.23 7.77 0.72
N ALA A 178 7.46 6.99 -0.35
CA ALA A 178 8.05 7.53 -1.57
C ALA A 178 7.12 8.53 -2.26
N ASP A 179 5.81 8.44 -2.02
CA ASP A 179 4.87 9.41 -2.57
C ASP A 179 5.14 10.81 -2.03
N TYR A 180 5.34 10.91 -0.71
CA TYR A 180 5.70 12.18 -0.06
C TYR A 180 6.97 12.75 -0.65
N GLN A 181 8.00 11.90 -0.76
CA GLN A 181 9.27 12.32 -1.32
C GLN A 181 9.11 12.80 -2.76
N LEU A 182 8.27 12.11 -3.53
CA LEU A 182 8.08 12.50 -4.92
C LEU A 182 7.38 13.85 -5.01
N ILE A 183 6.41 14.11 -4.13
CA ILE A 183 5.81 15.43 -4.08
C ILE A 183 6.89 16.49 -3.90
N LYS A 184 7.82 16.24 -2.97
CA LYS A 184 8.91 17.20 -2.76
C LYS A 184 9.79 17.32 -4.01
N LEU A 185 10.16 16.19 -4.61
CA LEU A 185 11.10 16.19 -5.75
C LEU A 185 10.50 16.85 -6.98
N LEU A 186 9.21 16.67 -7.23
CA LEU A 186 8.54 17.22 -8.41
C LEU A 186 8.08 18.66 -8.23
N GLY A 187 8.15 19.19 -7.00
CA GLY A 187 7.64 20.53 -6.76
C GLY A 187 6.14 20.65 -6.82
N LEU A 188 5.42 19.60 -6.43
CA LEU A 188 3.97 19.67 -6.35
C LEU A 188 3.55 20.19 -4.98
N GLY A 189 2.26 20.50 -4.86
CA GLY A 189 1.72 21.03 -3.63
C GLY A 189 1.33 19.93 -2.66
N PRO A 190 1.28 20.27 -1.37
CA PRO A 190 0.86 19.27 -0.37
C PRO A 190 -0.59 18.85 -0.48
N SER A 191 -1.42 19.55 -1.28
CA SER A 191 -2.82 19.22 -1.44
C SER A 191 -3.07 18.16 -2.52
N VAL A 192 -2.02 17.59 -3.10
CA VAL A 192 -2.19 16.44 -3.98
C VAL A 192 -2.61 15.25 -3.13
N GLN A 193 -3.68 14.56 -3.56
CA GLN A 193 -4.20 13.41 -2.82
C GLN A 193 -3.36 12.18 -3.13
N ARG A 194 -2.69 11.63 -2.11
CA ARG A 194 -1.73 10.57 -2.31
C ARG A 194 -2.29 9.21 -1.91
N LEU A 195 -1.83 8.19 -2.63
CA LEU A 195 -2.02 6.79 -2.24
C LEU A 195 -0.71 6.06 -2.45
N MET A 196 -0.18 5.47 -1.37
CA MET A 196 1.11 4.80 -1.37
C MET A 196 0.89 3.30 -1.32
N MET A 197 1.28 2.61 -2.40
CA MET A 197 1.11 1.17 -2.56
C MET A 197 2.48 0.51 -2.47
N TYR A 198 2.80 0.02 -1.27
CA TYR A 198 4.04 -0.66 -0.96
C TYR A 198 3.85 -2.17 -1.05
N GLN A 199 4.92 -2.87 -1.41
CA GLN A 199 5.03 -4.32 -1.26
C GLN A 199 3.88 -5.06 -1.98
N GLN A 200 3.63 -4.68 -3.22
CA GLN A 200 2.59 -5.28 -4.00
C GLN A 200 3.01 -6.40 -4.88
N GLY A 201 4.05 -6.21 -5.65
CA GLY A 201 4.51 -7.24 -6.51
C GLY A 201 4.29 -7.06 -7.95
N CYS A 202 4.55 -8.09 -8.67
CA CYS A 202 4.55 -8.07 -10.13
C CYS A 202 3.21 -7.65 -10.80
N PHE A 203 2.08 -7.92 -10.14
CA PHE A 203 0.84 -7.74 -10.80
C PHE A 203 0.34 -6.29 -10.67
N ALA A 204 1.04 -5.47 -9.88
CA ALA A 204 0.46 -4.23 -9.39
C ALA A 204 0.29 -3.18 -10.48
N GLY A 205 1.00 -3.32 -11.60
CA GLY A 205 0.71 -2.46 -12.73
C GLY A 205 -0.76 -2.53 -13.09
N GLY A 206 -1.30 -3.74 -13.23
CA GLY A 206 -2.73 -3.86 -13.44
C GLY A 206 -3.50 -3.25 -12.30
N THR A 207 -3.07 -3.51 -11.07
CA THR A 207 -3.74 -2.96 -9.90
C THR A 207 -3.80 -1.44 -9.99
N MET A 208 -2.69 -0.81 -10.41
CA MET A 208 -2.70 0.65 -10.43
C MET A 208 -3.71 1.16 -11.44
N LEU A 209 -3.81 0.49 -12.60
CA LEU A 209 -4.82 0.90 -13.55
C LEU A 209 -6.20 0.75 -12.93
N ARG A 210 -6.43 -0.39 -12.26
CA ARG A 210 -7.71 -0.62 -11.61
C ARG A 210 -8.01 0.48 -10.61
N LEU A 211 -6.98 0.95 -9.91
CA LEU A 211 -7.21 1.99 -8.92
C LEU A 211 -7.45 3.33 -9.59
N ALA A 212 -6.63 3.67 -10.59
CA ALA A 212 -6.72 5.00 -11.17
C ALA A 212 -8.07 5.21 -11.84
N LYS A 213 -8.61 4.15 -12.46
CA LYS A 213 -9.93 4.20 -13.06
C LYS A 213 -10.97 4.75 -12.09
N ASP A 214 -10.97 4.25 -10.86
CA ASP A 214 -11.98 4.76 -9.92
C ASP A 214 -11.67 6.21 -9.52
N LEU A 215 -10.38 6.50 -9.26
CA LEU A 215 -10.03 7.85 -8.83
C LEU A 215 -10.42 8.88 -9.88
N ALA A 216 -10.20 8.54 -11.17
CA ALA A 216 -10.51 9.48 -12.23
C ALA A 216 -12.00 9.59 -12.45
N GLU A 217 -12.72 8.47 -12.32
CA GLU A 217 -14.13 8.50 -12.72
C GLU A 217 -15.05 9.07 -11.65
N ASN A 218 -14.63 9.06 -10.38
CA ASN A 218 -15.48 9.53 -9.30
C ASN A 218 -15.11 10.92 -8.81
N ASN A 219 -14.09 11.56 -9.39
CA ASN A 219 -13.67 12.90 -9.00
C ASN A 219 -13.60 13.76 -10.26
N LYS A 220 -14.61 14.62 -10.45
CA LYS A 220 -14.68 15.45 -11.64
C LYS A 220 -13.41 16.29 -11.79
N GLY A 221 -12.81 16.25 -12.97
CA GLY A 221 -11.61 17.01 -13.26
C GLY A 221 -10.31 16.44 -12.73
N ALA A 222 -10.36 15.31 -12.01
CA ALA A 222 -9.16 14.77 -11.40
C ALA A 222 -8.14 14.33 -12.45
N ARG A 223 -6.87 14.60 -12.17
CA ARG A 223 -5.77 14.12 -12.99
C ARG A 223 -4.80 13.39 -12.06
N ILE A 224 -4.59 12.10 -12.36
CA ILE A 224 -3.88 11.19 -11.47
C ILE A 224 -2.54 10.86 -12.12
N LEU A 225 -1.45 11.19 -11.42
CA LEU A 225 -0.12 10.72 -11.76
C LEU A 225 0.09 9.37 -11.08
N VAL A 226 0.24 8.32 -11.88
CA VAL A 226 0.49 6.96 -11.39
C VAL A 226 1.94 6.61 -11.71
N ILE A 227 2.66 6.13 -10.70
CA ILE A 227 4.09 5.82 -10.84
C ILE A 227 4.34 4.42 -10.29
N CYS A 228 4.97 3.57 -11.10
CA CYS A 228 5.47 2.27 -10.67
C CYS A 228 6.98 2.33 -10.77
N ALA A 229 7.68 2.20 -9.64
CA ALA A 229 9.13 2.29 -9.64
C ALA A 229 9.71 1.08 -8.92
N GLU A 230 10.62 0.36 -9.58
CA GLU A 230 11.11 -0.90 -9.07
C GLU A 230 12.61 -1.02 -9.26
N SER A 231 13.23 -1.73 -8.31
CA SER A 231 14.65 -2.04 -8.37
C SER A 231 14.91 -3.44 -7.81
N SER A 232 15.70 -4.20 -8.53
CA SER A 232 16.15 -5.51 -8.06
C SER A 232 17.11 -5.43 -6.87
N ALA A 233 17.53 -4.23 -6.47
CA ALA A 233 18.43 -4.11 -5.33
C ALA A 233 17.81 -4.62 -4.04
N ILE A 234 16.47 -4.74 -3.97
CA ILE A 234 15.83 -5.24 -2.76
C ILE A 234 16.06 -6.74 -2.60
N GLY A 235 16.38 -7.45 -3.68
CA GLY A 235 16.51 -8.89 -3.64
C GLY A 235 17.83 -9.43 -4.19
N PHE A 236 18.75 -8.53 -4.54
CA PHE A 236 20.06 -8.96 -5.03
C PHE A 236 20.84 -9.62 -3.89
N ARG A 237 21.46 -10.76 -4.20
CA ARG A 237 22.30 -11.43 -3.22
C ARG A 237 23.24 -12.39 -3.96
N GLY A 238 24.32 -12.76 -3.27
CA GLY A 238 25.27 -13.71 -3.79
C GLY A 238 24.69 -15.10 -3.97
N PRO A 239 25.39 -15.95 -4.72
CA PRO A 239 24.87 -17.29 -4.99
C PRO A 239 25.17 -18.27 -3.87
N SER A 240 24.45 -19.38 -3.89
CA SER A 240 24.56 -20.40 -2.87
C SER A 240 24.15 -21.74 -3.45
N GLU A 241 25.01 -22.75 -3.30
CA GLU A 241 24.68 -24.09 -3.77
C GLU A 241 23.52 -24.71 -2.99
N SER A 242 23.27 -24.23 -1.77
CA SER A 242 22.11 -24.69 -1.00
C SER A 242 20.79 -24.11 -1.52
N HIS A 243 20.84 -23.02 -2.31
CA HIS A 243 19.64 -22.30 -2.75
C HIS A 243 19.78 -21.96 -4.22
N VAL A 244 19.76 -23.00 -5.07
CA VAL A 244 20.00 -22.79 -6.49
C VAL A 244 18.84 -22.03 -7.14
N ASP A 245 17.62 -22.23 -6.65
CA ASP A 245 16.46 -21.61 -7.29
C ASP A 245 16.52 -20.09 -7.24
N ASN A 246 17.18 -19.53 -6.23
CA ASN A 246 17.32 -18.07 -6.15
C ASN A 246 18.06 -17.51 -7.35
N LEU A 247 18.90 -18.33 -8.00
CA LEU A 247 19.58 -17.89 -9.22
C LEU A 247 18.57 -17.35 -10.23
N VAL A 248 17.39 -17.99 -10.31
CA VAL A 248 16.35 -17.53 -11.21
C VAL A 248 16.09 -16.04 -10.99
N ALA A 249 15.83 -15.65 -9.75
CA ALA A 249 15.58 -14.24 -9.46
C ALA A 249 16.76 -13.39 -9.89
N GLN A 250 17.99 -13.84 -9.61
CA GLN A 250 19.16 -13.06 -9.94
C GLN A 250 19.35 -12.89 -11.44
N ALA A 251 18.71 -13.74 -12.25
CA ALA A 251 18.78 -13.59 -13.70
C ALA A 251 17.64 -12.76 -14.25
N LEU A 252 16.55 -12.57 -13.50
CA LEU A 252 15.32 -12.04 -14.06
C LEU A 252 15.17 -10.54 -13.88
N PHE A 253 15.45 -10.02 -12.69
CA PHE A 253 14.91 -8.73 -12.29
C PHE A 253 15.83 -7.59 -12.68
N GLY A 254 15.22 -6.52 -13.21
CA GLY A 254 15.92 -5.30 -13.53
C GLY A 254 15.24 -4.10 -12.89
N ASP A 255 15.78 -2.92 -13.20
CA ASP A 255 15.34 -1.70 -12.56
C ASP A 255 14.69 -0.76 -13.58
N GLY A 256 13.67 -0.04 -13.11
CA GLY A 256 12.99 0.92 -13.96
C GLY A 256 11.76 1.51 -13.33
N ALA A 257 11.28 2.62 -13.91
CA ALA A 257 10.07 3.27 -13.45
C ALA A 257 9.24 3.69 -14.64
N ALA A 258 7.93 3.60 -14.48
CA ALA A 258 6.97 4.06 -15.47
C ALA A 258 5.96 4.98 -14.78
N ALA A 259 5.49 5.97 -15.54
CA ALA A 259 4.54 6.96 -15.05
C ALA A 259 3.47 7.17 -16.11
N ILE A 260 2.22 7.28 -15.67
CA ILE A 260 1.12 7.60 -16.57
C ILE A 260 0.31 8.73 -15.96
N ILE A 261 -0.35 9.46 -16.84
CA ILE A 261 -1.37 10.43 -16.44
C ILE A 261 -2.72 9.84 -16.80
N VAL A 262 -3.63 9.76 -15.82
CA VAL A 262 -4.95 9.18 -16.00
C VAL A 262 -5.99 10.23 -15.67
N GLY A 263 -7.03 10.29 -16.50
CA GLY A 263 -8.08 11.27 -16.31
C GLY A 263 -9.31 10.96 -17.14
N SER A 264 -10.47 11.43 -16.67
CA SER A 264 -11.68 11.39 -17.48
C SER A 264 -11.93 12.75 -18.11
N ASN A 265 -12.71 12.76 -19.19
CA ASN A 265 -13.19 13.97 -19.84
C ASN A 265 -12.02 14.79 -20.38
N PRO A 266 -11.41 14.37 -21.48
CA PRO A 266 -10.19 15.04 -21.95
C PRO A 266 -10.47 16.42 -22.53
N LYS A 267 -9.53 17.33 -22.31
CA LYS A 267 -9.69 18.69 -22.81
C LYS A 267 -9.45 18.73 -24.32
N PRO A 268 -10.42 19.15 -25.12
CA PRO A 268 -10.25 19.15 -26.58
C PRO A 268 -9.13 20.10 -27.00
N GLY A 269 -8.29 19.63 -27.92
CA GLY A 269 -7.18 20.40 -28.42
C GLY A 269 -6.05 20.64 -27.44
N LEU A 270 -6.13 20.09 -26.23
CA LEU A 270 -5.04 20.20 -25.26
C LEU A 270 -4.49 18.84 -24.87
N GLU A 271 -5.36 17.89 -24.57
CA GLU A 271 -4.96 16.54 -24.18
C GLU A 271 -5.20 15.58 -25.33
N LYS A 272 -4.33 14.59 -25.45
CA LYS A 272 -4.43 13.58 -26.50
C LYS A 272 -4.47 12.20 -25.85
N PRO A 273 -5.66 11.64 -25.64
CA PRO A 273 -5.76 10.32 -25.01
C PRO A 273 -4.98 9.26 -25.77
N VAL A 274 -4.37 8.35 -25.02
CA VAL A 274 -3.59 7.25 -25.59
C VAL A 274 -4.36 5.94 -25.51
N PHE A 275 -4.93 5.61 -24.34
CA PHE A 275 -5.74 4.42 -24.17
C PHE A 275 -6.93 4.77 -23.28
N GLU A 276 -7.94 3.90 -23.32
CA GLU A 276 -9.10 3.97 -22.44
C GLU A 276 -9.13 2.72 -21.59
N ILE A 277 -9.35 2.91 -20.28
CA ILE A 277 -9.45 1.79 -19.35
C ILE A 277 -10.91 1.36 -19.33
N VAL A 278 -11.23 0.31 -20.08
CA VAL A 278 -12.62 -0.13 -20.21
C VAL A 278 -13.08 -0.81 -18.92
N SER A 279 -12.26 -1.71 -18.38
CA SER A 279 -12.61 -2.45 -17.18
C SER A 279 -11.35 -3.01 -16.56
N ALA A 280 -11.47 -3.39 -15.29
CA ALA A 280 -10.33 -3.90 -14.53
C ALA A 280 -10.85 -4.85 -13.47
N ALA A 281 -10.28 -6.05 -13.43
CA ALA A 281 -10.71 -7.05 -12.46
C ALA A 281 -9.52 -7.86 -11.97
N GLN A 282 -9.54 -8.20 -10.69
CA GLN A 282 -8.52 -9.00 -10.06
C GLN A 282 -9.09 -10.35 -9.65
N THR A 283 -8.24 -11.36 -9.65
CA THR A 283 -8.57 -12.68 -9.12
C THR A 283 -7.27 -13.34 -8.66
N PHE A 284 -7.36 -14.54 -8.13
CA PHE A 284 -6.17 -15.33 -7.90
C PHE A 284 -6.51 -16.81 -7.98
N VAL A 285 -5.49 -17.61 -8.28
CA VAL A 285 -5.61 -19.06 -8.33
C VAL A 285 -5.55 -19.59 -6.90
N PRO A 286 -6.56 -20.32 -6.44
CA PRO A 286 -6.53 -20.83 -5.05
C PRO A 286 -5.28 -21.66 -4.79
N ASN A 287 -4.71 -21.46 -3.60
CA ASN A 287 -3.45 -22.05 -3.15
C ASN A 287 -2.24 -21.48 -3.88
N GLY A 288 -2.39 -20.29 -4.48
CA GLY A 288 -1.30 -19.68 -5.22
C GLY A 288 -0.13 -19.23 -4.37
N ASP A 289 -0.35 -18.99 -3.07
CA ASP A 289 0.75 -18.58 -2.21
C ASP A 289 1.80 -19.67 -2.04
N CYS A 290 1.41 -20.94 -2.22
CA CYS A 290 2.36 -22.06 -2.16
C CYS A 290 3.28 -22.09 -3.37
N HIS A 291 2.96 -21.37 -4.43
CA HIS A 291 3.76 -21.41 -5.66
C HIS A 291 4.57 -20.15 -5.90
N LEU A 292 4.11 -18.99 -5.44
CA LEU A 292 4.81 -17.73 -5.69
C LEU A 292 4.66 -16.83 -4.47
N ALA A 293 5.77 -16.55 -3.79
CA ALA A 293 5.75 -15.73 -2.58
C ALA A 293 7.11 -15.10 -2.36
N LEU A 294 7.10 -13.93 -1.72
CA LEU A 294 8.32 -13.19 -1.41
C LEU A 294 8.15 -12.54 -0.04
N HIS A 295 9.14 -12.71 0.82
CA HIS A 295 9.08 -12.23 2.20
C HIS A 295 10.18 -11.21 2.43
N LEU A 296 9.87 -10.15 3.18
CA LEU A 296 10.85 -9.14 3.53
C LEU A 296 11.47 -9.50 4.87
N ARG A 297 12.78 -9.78 4.86
CA ARG A 297 13.51 -10.29 6.01
C ARG A 297 14.71 -9.39 6.27
N GLU A 298 15.49 -9.74 7.29
CA GLU A 298 16.72 -9.02 7.55
C GLU A 298 17.71 -9.15 6.40
N MET A 299 17.58 -10.20 5.59
CA MET A 299 18.40 -10.41 4.41
C MET A 299 17.82 -9.75 3.16
N GLY A 300 16.80 -8.91 3.31
CA GLY A 300 16.13 -8.34 2.15
C GLY A 300 14.97 -9.18 1.67
N LEU A 301 14.65 -9.09 0.38
CA LEU A 301 13.49 -9.77 -0.17
C LEU A 301 13.86 -11.16 -0.65
N THR A 302 13.15 -12.17 -0.16
CA THR A 302 13.37 -13.55 -0.58
C THR A 302 12.46 -13.89 -1.75
N PHE A 303 12.65 -15.09 -2.31
CA PHE A 303 12.01 -15.44 -3.57
C PHE A 303 11.64 -16.93 -3.55
N HIS A 304 10.34 -17.22 -3.63
CA HIS A 304 9.85 -18.59 -3.69
C HIS A 304 8.98 -18.73 -4.92
N CYS A 305 9.42 -19.54 -5.89
CA CYS A 305 8.72 -19.67 -7.16
C CYS A 305 8.91 -21.10 -7.64
N THR A 306 7.84 -21.89 -7.58
CA THR A 306 7.91 -23.28 -7.99
C THR A 306 7.85 -23.38 -9.51
N LYS A 307 8.18 -24.58 -10.01
CA LYS A 307 8.09 -24.85 -11.45
C LYS A 307 6.65 -24.89 -11.93
N ASP A 308 5.68 -24.97 -11.02
CA ASP A 308 4.27 -25.02 -11.40
C ASP A 308 3.73 -23.68 -11.91
N VAL A 309 4.47 -22.59 -11.67
CA VAL A 309 3.91 -21.25 -11.84
C VAL A 309 3.51 -20.97 -13.29
N PRO A 310 4.42 -21.09 -14.27
CA PRO A 310 4.03 -20.74 -15.66
C PRO A 310 2.86 -21.57 -16.16
N PRO A 311 2.86 -22.90 -15.99
CA PRO A 311 1.69 -23.65 -16.48
C PRO A 311 0.40 -23.31 -15.75
N THR A 312 0.44 -23.03 -14.45
CA THR A 312 -0.78 -22.66 -13.74
C THR A 312 -1.32 -21.31 -14.23
N ILE A 313 -0.44 -20.33 -14.39
CA ILE A 313 -0.86 -19.02 -14.91
C ILE A 313 -1.47 -19.17 -16.29
N ALA A 314 -0.75 -19.84 -17.20
CA ALA A 314 -1.25 -20.01 -18.57
C ALA A 314 -2.58 -20.75 -18.58
N LYS A 315 -2.72 -21.74 -17.70
CA LYS A 315 -3.97 -22.48 -17.57
C LYS A 315 -5.11 -21.59 -17.14
N ASN A 316 -4.83 -20.57 -16.32
CA ASN A 316 -5.92 -19.78 -15.75
C ASN A 316 -6.20 -18.45 -16.47
N VAL A 317 -5.39 -18.03 -17.44
CA VAL A 317 -5.65 -16.71 -18.03
C VAL A 317 -6.91 -16.69 -18.89
N GLU A 318 -7.31 -17.82 -19.49
CA GLU A 318 -8.43 -17.79 -20.42
C GLU A 318 -9.75 -17.53 -19.72
N SER A 319 -9.92 -18.06 -18.50
CA SER A 319 -11.15 -17.77 -17.77
C SER A 319 -11.25 -16.30 -17.40
N CYS A 320 -10.12 -15.65 -17.11
CA CYS A 320 -10.11 -14.21 -16.88
C CYS A 320 -10.50 -13.47 -18.15
N LEU A 321 -9.92 -13.87 -19.28
CA LEU A 321 -10.27 -13.25 -20.57
C LEU A 321 -11.75 -13.37 -20.85
N THR A 322 -12.31 -14.57 -20.67
CA THR A 322 -13.73 -14.79 -20.93
C THR A 322 -14.59 -13.93 -20.00
N LYS A 323 -14.29 -13.95 -18.70
CA LYS A 323 -15.07 -13.17 -17.74
C LYS A 323 -15.03 -11.67 -18.05
N ALA A 324 -13.89 -11.17 -18.55
CA ALA A 324 -13.79 -9.74 -18.82
C ALA A 324 -14.37 -9.35 -20.18
N LEU A 325 -14.29 -10.23 -21.18
CA LEU A 325 -14.58 -9.85 -22.56
C LEU A 325 -15.90 -10.36 -23.09
N GLU A 326 -16.50 -11.37 -22.47
CA GLU A 326 -17.82 -11.82 -22.91
C GLU A 326 -18.88 -10.72 -22.86
N PRO A 327 -18.95 -9.86 -21.83
CA PRO A 327 -19.91 -8.75 -21.89
C PRO A 327 -19.72 -7.81 -23.06
N LEU A 328 -18.52 -7.78 -23.66
CA LEU A 328 -18.28 -6.98 -24.85
C LEU A 328 -18.47 -7.78 -26.13
N GLY A 329 -18.85 -9.06 -26.03
CA GLY A 329 -19.04 -9.87 -27.21
C GLY A 329 -17.77 -10.22 -27.94
N ILE A 330 -16.66 -10.33 -27.23
CA ILE A 330 -15.36 -10.68 -27.81
C ILE A 330 -14.97 -12.07 -27.35
N SER A 331 -14.61 -12.93 -28.30
CA SER A 331 -14.14 -14.27 -27.98
C SER A 331 -12.89 -14.67 -28.76
N ASP A 332 -12.51 -13.92 -29.79
CA ASP A 332 -11.32 -14.22 -30.59
C ASP A 332 -10.16 -13.44 -29.98
N TRP A 333 -9.29 -14.14 -29.26
CA TRP A 333 -8.19 -13.46 -28.57
C TRP A 333 -7.23 -12.80 -29.55
N ASN A 334 -7.23 -13.21 -30.81
CA ASN A 334 -6.36 -12.58 -31.79
C ASN A 334 -6.92 -11.28 -32.36
N SER A 335 -8.18 -10.95 -32.06
CA SER A 335 -8.71 -9.65 -32.46
C SER A 335 -8.27 -8.54 -31.52
N LEU A 336 -7.47 -8.84 -30.51
CA LEU A 336 -7.03 -7.89 -29.51
C LEU A 336 -5.55 -7.58 -29.69
N PHE A 337 -5.15 -6.39 -29.27
CA PHE A 337 -3.74 -6.14 -28.99
C PHE A 337 -3.45 -6.57 -27.56
N TRP A 338 -2.19 -6.91 -27.28
CA TRP A 338 -1.85 -7.63 -26.07
C TRP A 338 -0.74 -6.95 -25.29
N ILE A 339 -0.93 -6.89 -23.96
CA ILE A 339 0.10 -6.50 -23.02
C ILE A 339 0.13 -7.58 -21.93
N LEU A 340 1.22 -8.33 -21.85
CA LEU A 340 1.37 -9.39 -20.88
C LEU A 340 2.57 -9.10 -19.99
N HIS A 341 2.41 -9.27 -18.69
CA HIS A 341 3.54 -9.13 -17.78
C HIS A 341 4.54 -10.24 -18.04
N PRO A 342 5.77 -9.92 -18.42
CA PRO A 342 6.75 -10.98 -18.76
C PRO A 342 7.50 -11.46 -17.52
N GLY A 343 6.77 -12.15 -16.62
CA GLY A 343 7.40 -12.68 -15.42
C GLY A 343 8.56 -13.60 -15.76
N GLY A 344 8.49 -14.25 -16.90
CA GLY A 344 9.61 -14.99 -17.44
C GLY A 344 9.25 -15.37 -18.86
N ASN A 345 10.27 -15.70 -19.64
CA ASN A 345 10.01 -16.07 -21.03
C ASN A 345 9.11 -17.28 -21.13
N ALA A 346 9.22 -18.22 -20.18
CA ALA A 346 8.37 -19.41 -20.21
C ALA A 346 6.91 -19.05 -20.14
N ILE A 347 6.55 -18.09 -19.30
CA ILE A 347 5.15 -17.71 -19.17
C ILE A 347 4.66 -17.06 -20.46
N VAL A 348 5.49 -16.22 -21.09
CA VAL A 348 5.12 -15.61 -22.37
C VAL A 348 4.83 -16.69 -23.40
N ASP A 349 5.74 -17.65 -23.55
CA ASP A 349 5.56 -18.73 -24.52
C ASP A 349 4.32 -19.56 -24.20
N GLN A 350 4.11 -19.88 -22.93
CA GLN A 350 3.02 -20.78 -22.59
C GLN A 350 1.66 -20.09 -22.71
N VAL A 351 1.58 -18.80 -22.41
CA VAL A 351 0.33 -18.07 -22.67
C VAL A 351 0.07 -18.01 -24.16
N GLU A 352 1.11 -17.71 -24.96
CA GLU A 352 0.95 -17.71 -26.40
C GLU A 352 0.40 -19.05 -26.90
N ASN A 353 0.96 -20.16 -26.41
CA ASN A 353 0.55 -21.48 -26.90
C ASN A 353 -0.84 -21.86 -26.40
N LYS A 354 -1.14 -21.56 -25.14
CA LYS A 354 -2.43 -21.96 -24.56
C LYS A 354 -3.57 -21.18 -25.19
N LEU A 355 -3.36 -19.90 -25.51
CA LEU A 355 -4.43 -19.09 -26.07
C LEU A 355 -4.46 -19.10 -27.59
N GLY A 356 -3.46 -19.69 -28.25
CA GLY A 356 -3.42 -19.69 -29.71
C GLY A 356 -3.20 -18.32 -30.31
N LEU A 357 -2.34 -17.51 -29.73
CA LEU A 357 -2.07 -16.17 -30.24
C LEU A 357 -1.07 -16.22 -31.40
N GLU A 358 -1.30 -15.39 -32.40
CA GLU A 358 -0.29 -15.17 -33.43
C GLU A 358 1.01 -14.73 -32.79
N HIS A 359 2.13 -15.18 -33.35
CA HIS A 359 3.41 -15.02 -32.67
C HIS A 359 3.76 -13.55 -32.42
N GLU A 360 3.25 -12.64 -33.26
CA GLU A 360 3.60 -11.23 -33.11
C GLU A 360 2.78 -10.50 -32.05
N LYS A 361 1.72 -11.13 -31.53
CA LYS A 361 0.88 -10.46 -30.54
C LYS A 361 1.68 -9.96 -29.35
N LEU A 362 2.60 -10.78 -28.85
CA LEU A 362 3.39 -10.47 -27.67
C LEU A 362 4.74 -9.83 -28.02
N ARG A 363 4.88 -9.27 -29.23
CA ARG A 363 6.15 -8.68 -29.64
C ARG A 363 6.56 -7.54 -28.71
N ALA A 364 5.63 -6.62 -28.40
CA ALA A 364 5.96 -5.51 -27.50
C ALA A 364 6.42 -6.03 -26.14
N THR A 365 5.70 -7.03 -25.61
CA THR A 365 6.09 -7.67 -24.36
C THR A 365 7.51 -8.21 -24.43
N ARG A 366 7.81 -9.00 -25.46
CA ARG A 366 9.14 -9.57 -25.62
C ARG A 366 10.20 -8.48 -25.78
N ASN A 367 9.87 -7.41 -26.51
CA ASN A 367 10.81 -6.29 -26.67
C ASN A 367 11.21 -5.73 -25.32
N ILE A 368 10.21 -5.47 -24.46
CA ILE A 368 10.52 -4.90 -23.16
C ILE A 368 11.33 -5.88 -22.32
N LEU A 369 10.95 -7.16 -22.34
CA LEU A 369 11.74 -8.17 -21.63
C LEU A 369 13.18 -8.16 -22.10
N ARG A 370 13.39 -8.13 -23.42
CA ARG A 370 14.73 -8.15 -23.99
C ARG A 370 15.54 -6.95 -23.54
N ASP A 371 14.94 -5.77 -23.60
CA ASP A 371 15.71 -4.55 -23.39
C ASP A 371 15.81 -4.12 -21.93
N PHE A 372 15.03 -4.72 -21.02
CA PHE A 372 15.01 -4.24 -19.64
C PHE A 372 14.91 -5.33 -18.58
N GLY A 373 14.59 -6.57 -18.94
CA GLY A 373 14.34 -7.58 -17.93
C GLY A 373 13.02 -7.36 -17.22
N ASN A 374 12.84 -8.11 -16.14
CA ASN A 374 11.60 -8.07 -15.35
C ASN A 374 11.70 -6.91 -14.37
N MET A 375 11.03 -5.81 -14.67
CA MET A 375 10.95 -4.65 -13.78
C MET A 375 9.69 -4.67 -12.92
N SER A 376 9.19 -5.86 -12.61
CA SER A 376 8.07 -6.06 -11.69
C SER A 376 6.88 -5.22 -12.17
N SER A 377 6.22 -4.48 -11.28
CA SER A 377 4.97 -3.81 -11.63
C SER A 377 5.13 -2.80 -12.76
N ALA A 378 6.34 -2.29 -13.00
CA ALA A 378 6.51 -1.30 -14.07
C ALA A 378 6.39 -1.93 -15.45
N CYS A 379 6.64 -3.23 -15.60
CA CYS A 379 6.78 -3.85 -16.92
C CYS A 379 5.61 -3.52 -17.84
N VAL A 380 4.39 -3.84 -17.41
CA VAL A 380 3.23 -3.68 -18.28
C VAL A 380 3.11 -2.24 -18.75
N LEU A 381 3.44 -1.27 -17.89
CA LEU A 381 3.33 0.11 -18.34
C LEU A 381 4.36 0.42 -19.41
N PHE A 382 5.60 -0.04 -19.22
CA PHE A 382 6.59 0.00 -20.30
C PHE A 382 6.00 -0.57 -21.58
N ILE A 383 5.34 -1.73 -21.46
CA ILE A 383 4.84 -2.40 -22.64
C ILE A 383 3.74 -1.57 -23.28
N LEU A 384 2.90 -0.94 -22.45
CA LEU A 384 1.90 -0.02 -22.99
C LEU A 384 2.58 1.01 -23.88
N ASP A 385 3.60 1.67 -23.33
CA ASP A 385 4.35 2.65 -24.11
C ASP A 385 4.86 2.00 -25.39
N GLU A 386 5.50 0.84 -25.26
CA GLU A 386 6.10 0.23 -26.44
C GLU A 386 5.03 -0.09 -27.47
N ILE A 387 3.88 -0.63 -27.04
CA ILE A 387 2.92 -1.05 -28.05
C ILE A 387 2.39 0.16 -28.79
N ARG A 388 2.37 1.32 -28.12
CA ARG A 388 1.96 2.55 -28.79
C ARG A 388 3.04 3.00 -29.77
N LYS A 389 4.31 2.99 -29.32
CA LYS A 389 5.40 3.43 -30.16
C LYS A 389 5.56 2.54 -31.38
N LYS A 390 5.55 1.22 -31.16
CA LYS A 390 5.58 0.26 -32.25
C LYS A 390 4.47 0.53 -33.26
N SER A 391 3.27 0.87 -32.76
CA SER A 391 2.16 1.14 -33.66
C SER A 391 2.48 2.30 -34.58
N ALA A 392 3.15 3.33 -34.05
CA ALA A 392 3.55 4.45 -34.90
C ALA A 392 4.61 4.02 -35.89
N ARG A 393 5.55 3.16 -35.47
CA ARG A 393 6.64 2.77 -36.37
C ARG A 393 6.11 1.96 -37.54
N ASP A 394 5.15 1.09 -37.29
CA ASP A 394 4.56 0.25 -38.33
C ASP A 394 3.51 0.98 -39.16
N GLY A 395 3.26 2.26 -38.87
CA GLY A 395 2.26 3.00 -39.62
C GLY A 395 0.83 2.57 -39.39
N LEU A 396 0.53 2.00 -38.21
CA LEU A 396 -0.81 1.54 -37.93
C LEU A 396 -1.67 2.69 -37.40
N LYS A 397 -2.99 2.51 -37.47
CA LYS A 397 -3.92 3.63 -37.31
C LYS A 397 -4.40 3.85 -35.89
N THR A 398 -4.18 2.91 -34.96
CA THR A 398 -4.51 3.14 -33.56
C THR A 398 -3.29 2.84 -32.69
N THR A 399 -3.33 3.37 -31.47
CA THR A 399 -2.27 3.12 -30.50
C THR A 399 -2.19 1.65 -30.11
N GLY A 400 -3.18 0.84 -30.47
CA GLY A 400 -3.16 -0.58 -30.19
C GLY A 400 -2.99 -1.39 -31.46
N GLU A 401 -1.96 -1.06 -32.23
CA GLU A 401 -1.60 -1.80 -33.45
C GLU A 401 -2.74 -1.81 -34.46
N GLY A 402 -3.46 -0.69 -34.58
CA GLY A 402 -4.57 -0.58 -35.51
C GLY A 402 -5.85 -1.28 -35.08
N LEU A 403 -5.88 -1.90 -33.91
CA LEU A 403 -7.07 -2.57 -33.41
C LEU A 403 -7.80 -1.68 -32.41
N ASP A 404 -9.04 -2.07 -32.09
CA ASP A 404 -9.89 -1.29 -31.20
C ASP A 404 -9.72 -1.69 -29.74
N PHE A 405 -9.91 -2.97 -29.42
CA PHE A 405 -9.88 -3.46 -28.06
C PHE A 405 -8.60 -4.25 -27.79
N GLY A 406 -8.11 -4.14 -26.55
CA GLY A 406 -6.95 -4.89 -26.13
C GLY A 406 -7.08 -5.33 -24.69
N VAL A 407 -6.11 -6.15 -24.27
CA VAL A 407 -6.11 -6.67 -22.91
C VAL A 407 -4.71 -6.51 -22.32
N LEU A 408 -4.67 -6.07 -21.07
CA LEU A 408 -3.45 -6.03 -20.27
C LEU A 408 -3.62 -7.05 -19.16
N LEU A 409 -2.72 -8.02 -19.09
CA LEU A 409 -2.83 -9.09 -18.13
C LEU A 409 -1.51 -9.20 -17.35
N SER A 410 -1.59 -9.07 -16.03
CA SER A 410 -0.42 -9.18 -15.17
C SER A 410 -0.71 -10.18 -14.06
N PHE A 411 0.35 -10.66 -13.42
CA PHE A 411 0.22 -11.69 -12.40
C PHE A 411 1.40 -11.59 -11.45
N GLY A 412 1.22 -12.14 -10.25
CA GLY A 412 2.22 -12.02 -9.21
C GLY A 412 1.95 -12.86 -7.97
N PRO A 413 2.53 -12.47 -6.84
CA PRO A 413 2.47 -13.30 -5.63
C PRO A 413 1.06 -13.76 -5.30
N GLY A 414 0.96 -15.02 -4.87
CA GLY A 414 -0.33 -15.63 -4.62
C GLY A 414 -1.01 -16.16 -5.86
N LEU A 415 -0.31 -16.15 -7.00
CA LEU A 415 -0.93 -16.35 -8.30
C LEU A 415 -2.12 -15.40 -8.47
N THR A 416 -1.94 -14.16 -8.03
CA THR A 416 -2.87 -13.09 -8.33
C THR A 416 -2.81 -12.74 -9.81
N ILE A 417 -3.97 -12.51 -10.43
CA ILE A 417 -4.06 -12.13 -11.83
C ILE A 417 -4.90 -10.87 -11.94
N GLU A 418 -4.37 -9.85 -12.61
CA GLU A 418 -5.09 -8.62 -12.92
C GLU A 418 -5.39 -8.60 -14.41
N THR A 419 -6.64 -8.32 -14.77
CA THR A 419 -7.08 -8.29 -16.16
C THR A 419 -7.70 -6.93 -16.46
N VAL A 420 -7.09 -6.19 -17.38
CA VAL A 420 -7.54 -4.87 -17.76
C VAL A 420 -7.90 -4.88 -19.24
N VAL A 421 -9.14 -4.56 -19.56
CA VAL A 421 -9.57 -4.40 -20.94
C VAL A 421 -9.31 -2.96 -21.35
N LEU A 422 -8.62 -2.77 -22.46
CA LEU A 422 -8.26 -1.46 -22.96
C LEU A 422 -8.92 -1.19 -24.31
N HIS A 423 -9.12 0.08 -24.60
CA HIS A 423 -9.54 0.51 -25.92
C HIS A 423 -8.48 1.48 -26.44
N SER A 424 -8.06 1.29 -27.69
CA SER A 424 -7.04 2.13 -28.29
C SER A 424 -7.62 3.49 -28.66
N LYS A 425 -6.76 4.36 -29.16
CA LYS A 425 -7.11 5.69 -29.63
C LYS A 425 -6.44 5.92 -30.98
N PRO A 426 -6.95 6.87 -31.77
CA PRO A 426 -6.29 7.20 -33.04
C PRO A 426 -4.85 7.64 -32.81
N ILE A 427 -3.97 7.17 -33.67
CA ILE A 427 -2.53 7.27 -33.45
C ILE A 427 -2.03 8.71 -33.38
N GLU B 52 -27.75 6.71 -7.87
CA GLU B 52 -26.64 6.19 -7.09
C GLU B 52 -26.04 7.32 -6.25
N GLY B 53 -25.97 7.14 -4.93
CA GLY B 53 -25.59 8.25 -4.08
C GLY B 53 -24.34 8.01 -3.25
N PRO B 54 -24.24 8.71 -2.13
CA PRO B 54 -22.97 8.79 -1.40
C PRO B 54 -22.59 7.47 -0.72
N ALA B 55 -21.29 7.33 -0.48
CA ALA B 55 -20.80 6.16 0.24
C ALA B 55 -21.21 6.23 1.70
N LEU B 56 -21.65 5.09 2.23
CA LEU B 56 -22.15 5.01 3.58
C LEU B 56 -21.35 3.99 4.36
N VAL B 57 -21.11 4.29 5.63
CA VAL B 57 -20.64 3.29 6.58
C VAL B 57 -21.85 2.47 7.01
N LEU B 58 -21.86 1.19 6.67
CA LEU B 58 -23.00 0.33 6.95
C LEU B 58 -22.82 -0.55 8.17
N ALA B 59 -21.60 -0.63 8.72
CA ALA B 59 -21.31 -1.48 9.89
C ALA B 59 -19.89 -1.20 10.35
N ILE B 60 -19.70 -1.34 11.67
CA ILE B 60 -18.41 -1.19 12.32
C ILE B 60 -18.20 -2.32 13.33
N GLY B 61 -17.03 -2.94 13.30
CA GLY B 61 -16.66 -3.93 14.29
C GLY B 61 -15.22 -3.74 14.72
N THR B 62 -14.91 -4.18 15.94
CA THR B 62 -13.57 -4.04 16.47
C THR B 62 -13.11 -5.34 17.13
N ALA B 63 -11.81 -5.45 17.32
CA ALA B 63 -11.22 -6.64 17.94
C ALA B 63 -9.86 -6.25 18.53
N THR B 64 -9.49 -6.93 19.61
CA THR B 64 -8.20 -6.73 20.24
C THR B 64 -7.62 -8.08 20.60
N PRO B 65 -6.29 -8.20 20.71
CA PRO B 65 -5.71 -9.40 21.30
C PRO B 65 -6.22 -9.61 22.72
N SER B 66 -6.35 -10.87 23.12
CA SER B 66 -6.85 -11.17 24.46
C SER B 66 -5.92 -10.62 25.53
N HIS B 67 -4.60 -10.75 25.33
CA HIS B 67 -3.63 -10.28 26.31
C HIS B 67 -3.62 -8.75 26.35
N TRP B 68 -3.64 -8.19 27.56
CA TRP B 68 -3.61 -6.75 27.75
C TRP B 68 -2.86 -6.45 29.02
N ILE B 69 -2.43 -5.20 29.16
CA ILE B 69 -1.69 -4.74 30.31
C ILE B 69 -2.21 -3.37 30.73
N ASP B 70 -2.41 -3.19 32.02
CA ASP B 70 -2.81 -1.90 32.56
C ASP B 70 -1.61 -0.98 32.64
N GLN B 71 -1.84 0.30 32.35
CA GLN B 71 -0.73 1.26 32.26
C GLN B 71 -0.10 1.55 33.61
N SER B 72 -0.88 1.54 34.70
CA SER B 72 -0.33 1.87 36.00
C SER B 72 0.80 0.93 36.39
N SER B 73 0.66 -0.36 36.11
CA SER B 73 1.70 -1.32 36.42
C SER B 73 2.62 -1.60 35.22
N TYR B 74 2.54 -0.80 34.14
CA TYR B 74 3.34 -1.10 32.97
C TYR B 74 4.82 -0.78 33.12
N PRO B 75 5.21 0.31 33.80
CA PRO B 75 6.66 0.51 34.02
C PRO B 75 7.35 -0.67 34.70
N ASP B 76 6.75 -1.23 35.75
CA ASP B 76 7.35 -2.38 36.42
C ASP B 76 7.46 -3.56 35.48
N TYR B 77 6.37 -3.87 34.76
CA TYR B 77 6.39 -5.00 33.83
C TYR B 77 7.45 -4.81 32.75
N TYR B 78 7.50 -3.61 32.17
CA TYR B 78 8.40 -3.33 31.06
C TYR B 78 9.85 -3.42 31.49
N PHE B 79 10.22 -2.74 32.57
CA PHE B 79 11.61 -2.79 33.01
C PHE B 79 11.99 -4.14 33.59
N ARG B 80 11.01 -4.93 34.09
CA ARG B 80 11.35 -6.26 34.58
C ARG B 80 11.59 -7.23 33.42
N VAL B 81 10.69 -7.22 32.44
CA VAL B 81 10.75 -8.21 31.37
C VAL B 81 11.88 -7.93 30.38
N THR B 82 12.33 -6.68 30.27
CA THR B 82 13.49 -6.35 29.45
C THR B 82 14.80 -6.37 30.23
N ASN B 83 14.79 -6.86 31.48
CA ASN B 83 15.98 -6.96 32.32
C ASN B 83 16.70 -5.62 32.45
N SER B 84 15.93 -4.58 32.79
CA SER B 84 16.45 -3.22 32.85
C SER B 84 16.19 -2.56 34.20
N ASP B 85 15.97 -3.36 35.25
CA ASP B 85 15.61 -2.80 36.54
C ASP B 85 16.76 -2.06 37.21
N HIS B 86 17.99 -2.21 36.72
CA HIS B 86 19.12 -1.45 37.23
C HIS B 86 19.16 -0.01 36.73
N LEU B 87 18.27 0.36 35.81
CA LEU B 87 18.23 1.72 35.28
C LEU B 87 17.12 2.50 35.99
N VAL B 88 17.43 2.92 37.22
CA VAL B 88 16.41 3.46 38.11
C VAL B 88 15.87 4.79 37.60
N ASP B 89 16.76 5.71 37.19
CA ASP B 89 16.31 7.04 36.76
C ASP B 89 15.49 6.95 35.47
N LEU B 90 15.93 6.11 34.53
CA LEU B 90 15.15 5.90 33.31
C LEU B 90 13.79 5.33 33.64
N LYS B 91 13.73 4.40 34.61
CA LYS B 91 12.45 3.82 34.99
C LYS B 91 11.52 4.87 35.59
N GLU B 92 12.06 5.80 36.37
CA GLU B 92 11.22 6.85 36.92
C GLU B 92 10.72 7.79 35.82
N LYS B 93 11.58 8.10 34.85
CA LYS B 93 11.13 8.90 33.71
C LYS B 93 10.01 8.20 32.94
N PHE B 94 10.14 6.89 32.76
CA PHE B 94 9.10 6.13 32.07
C PHE B 94 7.81 6.11 32.88
N ARG B 95 7.92 6.04 34.21
CA ARG B 95 6.74 6.16 35.07
C ARG B 95 6.03 7.48 34.83
N ARG B 96 6.79 8.57 34.77
CA ARG B 96 6.16 9.88 34.53
C ARG B 96 5.50 9.94 33.16
N ILE B 97 6.16 9.40 32.14
CA ILE B 97 5.60 9.37 30.79
C ILE B 97 4.29 8.59 30.76
N CYS B 98 4.31 7.36 31.27
CA CYS B 98 3.10 6.54 31.30
C CYS B 98 1.99 7.21 32.09
N SER B 99 2.32 7.87 33.20
CA SER B 99 1.29 8.55 33.97
C SER B 99 0.67 9.70 33.18
N ARG B 100 1.45 10.35 32.32
CA ARG B 100 0.92 11.45 31.53
C ARG B 100 0.22 11.02 30.25
N THR B 101 0.33 9.75 29.83
CA THR B 101 -0.30 9.35 28.57
C THR B 101 -1.83 9.40 28.61
N MET B 102 -2.45 9.31 29.79
CA MET B 102 -3.91 9.21 29.95
C MET B 102 -4.45 7.90 29.35
N ILE B 103 -3.63 6.87 29.32
CA ILE B 103 -4.01 5.54 28.88
C ILE B 103 -4.11 4.65 30.11
N LYS B 104 -5.19 3.87 30.20
CA LYS B 104 -5.35 2.95 31.32
C LYS B 104 -4.99 1.51 30.99
N LYS B 105 -5.22 1.06 29.75
CA LYS B 105 -4.78 -0.27 29.37
C LYS B 105 -4.48 -0.30 27.88
N ARG B 106 -3.69 -1.30 27.49
CA ARG B 106 -3.36 -1.53 26.10
C ARG B 106 -3.36 -3.03 25.85
N HIS B 107 -3.88 -3.45 24.70
CA HIS B 107 -3.84 -4.84 24.31
C HIS B 107 -2.63 -5.09 23.43
N MET B 108 -1.96 -6.22 23.64
CA MET B 108 -0.67 -6.47 23.02
C MET B 108 -0.54 -7.92 22.59
N LEU B 109 -0.09 -8.12 21.35
CA LEU B 109 0.22 -9.46 20.86
C LEU B 109 1.42 -10.06 21.56
N LEU B 110 2.39 -9.23 21.96
CA LEU B 110 3.58 -9.74 22.62
C LEU B 110 3.27 -10.06 24.08
N THR B 111 3.44 -11.31 24.45
CA THR B 111 3.29 -11.78 25.82
C THR B 111 4.66 -11.97 26.47
N GLU B 112 4.65 -12.14 27.79
CA GLU B 112 5.89 -12.46 28.50
C GLU B 112 6.52 -13.73 27.93
N GLU B 113 5.71 -14.71 27.55
CA GLU B 113 6.24 -15.96 27.00
C GLU B 113 6.99 -15.71 25.69
N ILE B 114 6.41 -14.88 24.82
CA ILE B 114 7.05 -14.58 23.54
C ILE B 114 8.34 -13.81 23.76
N LEU B 115 8.34 -12.87 24.72
CA LEU B 115 9.57 -12.15 25.05
C LEU B 115 10.64 -13.09 25.59
N LYS B 116 10.24 -14.11 26.38
CA LYS B 116 11.21 -15.05 26.92
C LYS B 116 11.79 -15.91 25.80
N LYS B 117 10.96 -16.33 24.84
CA LYS B 117 11.48 -17.15 23.75
C LYS B 117 12.35 -16.35 22.77
N ASN B 118 12.25 -15.02 22.76
CA ASN B 118 12.94 -14.18 21.79
C ASN B 118 13.56 -12.99 22.51
N PRO B 119 14.69 -13.20 23.20
CA PRO B 119 15.29 -12.09 23.96
C PRO B 119 15.71 -10.90 23.11
N ASN B 120 15.96 -11.09 21.82
CA ASN B 120 16.34 -9.95 20.97
C ASN B 120 15.24 -8.91 20.91
N LEU B 121 13.97 -9.32 21.06
CA LEU B 121 12.88 -8.35 21.17
C LEU B 121 13.02 -7.46 22.39
N CYS B 122 13.73 -7.92 23.42
CA CYS B 122 13.89 -7.15 24.65
C CYS B 122 15.09 -6.22 24.61
N SER B 123 15.98 -6.38 23.63
CA SER B 123 17.08 -5.46 23.43
C SER B 123 16.59 -4.15 22.82
N PHE B 124 17.51 -3.22 22.62
CA PHE B 124 17.14 -1.99 21.93
C PHE B 124 17.36 -2.06 20.42
N SER B 125 18.43 -2.73 19.97
CA SER B 125 18.87 -2.62 18.59
C SER B 125 19.26 -3.94 17.93
N GLU B 126 19.24 -5.06 18.64
CA GLU B 126 19.69 -6.31 18.03
C GLU B 126 18.75 -6.69 16.87
N PRO B 127 19.25 -7.44 15.90
CA PRO B 127 18.39 -7.86 14.78
C PRO B 127 17.12 -8.52 15.27
N SER B 128 15.98 -8.00 14.83
CA SER B 128 14.70 -8.46 15.34
C SER B 128 13.58 -8.48 14.31
N LEU B 129 13.81 -8.00 13.09
CA LEU B 129 12.71 -7.93 12.13
C LEU B 129 12.16 -9.30 11.79
N ASP B 130 13.01 -10.34 11.77
CA ASP B 130 12.54 -11.66 11.35
C ASP B 130 11.51 -12.23 12.32
N ILE B 131 11.73 -12.08 13.64
CA ILE B 131 10.76 -12.63 14.57
C ILE B 131 9.49 -11.78 14.58
N ARG B 132 9.64 -10.45 14.50
CA ARG B 132 8.47 -9.58 14.36
C ARG B 132 7.63 -9.96 13.16
N GLN B 133 8.27 -10.25 12.03
CA GLN B 133 7.55 -10.66 10.83
C GLN B 133 6.87 -12.00 11.03
N ASP B 134 7.58 -12.98 11.61
CA ASP B 134 6.98 -14.28 11.87
C ASP B 134 5.71 -14.15 12.70
N ILE B 135 5.71 -13.25 13.69
CA ILE B 135 4.52 -13.04 14.50
C ILE B 135 3.44 -12.33 13.69
N LEU B 136 3.80 -11.18 13.09
CA LEU B 136 2.79 -10.26 12.57
C LEU B 136 2.13 -10.78 11.30
N VAL B 137 2.90 -11.39 10.40
CA VAL B 137 2.36 -11.87 9.13
C VAL B 137 1.22 -12.86 9.37
N SER B 138 1.25 -13.55 10.51
CA SER B 138 0.18 -14.47 10.88
C SER B 138 -0.90 -13.81 11.73
N GLU B 139 -0.50 -13.00 12.71
CA GLU B 139 -1.47 -12.51 13.69
C GLU B 139 -2.31 -11.35 13.17
N ILE B 140 -1.77 -10.51 12.28
CA ILE B 140 -2.50 -9.33 11.81
C ILE B 140 -3.72 -9.73 10.98
N PRO B 141 -3.61 -10.66 10.02
CA PRO B 141 -4.84 -11.10 9.33
C PRO B 141 -5.87 -11.74 10.26
N LYS B 142 -5.44 -12.47 11.29
CA LYS B 142 -6.41 -13.09 12.21
C LYS B 142 -7.19 -12.03 13.01
N LEU B 143 -6.48 -11.03 13.52
CA LEU B 143 -7.14 -9.94 14.23
C LEU B 143 -8.09 -9.20 13.32
N GLY B 144 -7.64 -8.93 12.07
CA GLY B 144 -8.54 -8.35 11.09
C GLY B 144 -9.76 -9.21 10.85
N LYS B 145 -9.58 -10.54 10.86
CA LYS B 145 -10.72 -11.45 10.65
C LYS B 145 -11.73 -11.33 11.77
N GLU B 146 -11.26 -11.22 13.02
CA GLU B 146 -12.21 -11.10 14.13
C GLU B 146 -13.02 -9.81 14.02
N ALA B 147 -12.33 -8.69 13.77
CA ALA B 147 -13.05 -7.43 13.59
C ALA B 147 -14.04 -7.52 12.42
N ALA B 148 -13.61 -8.14 11.31
CA ALA B 148 -14.46 -8.22 10.14
C ALA B 148 -15.70 -9.06 10.42
N LEU B 149 -15.55 -10.16 11.16
CA LEU B 149 -16.71 -10.97 11.51
C LEU B 149 -17.72 -10.17 12.31
N LYS B 150 -17.25 -9.37 13.28
CA LYS B 150 -18.21 -8.53 14.03
C LYS B 150 -18.91 -7.51 13.11
N ALA B 151 -18.15 -6.92 12.18
CA ALA B 151 -18.76 -5.96 11.26
C ALA B 151 -19.79 -6.62 10.35
N ILE B 152 -19.47 -7.81 9.85
CA ILE B 152 -20.40 -8.54 8.98
C ILE B 152 -21.65 -8.94 9.75
N GLN B 153 -21.50 -9.29 11.03
CA GLN B 153 -22.67 -9.63 11.82
C GLN B 153 -23.60 -8.42 11.98
N GLU B 154 -23.05 -7.24 12.28
CA GLU B 154 -23.91 -6.06 12.31
C GLU B 154 -24.54 -5.81 10.94
N TRP B 155 -23.74 -5.93 9.88
CA TRP B 155 -24.21 -5.68 8.53
C TRP B 155 -25.38 -6.58 8.17
N ALA B 156 -25.34 -7.85 8.60
CA ALA B 156 -26.41 -8.83 8.43
C ALA B 156 -26.64 -9.22 6.97
N GLN B 157 -25.69 -8.96 6.09
CA GLN B 157 -25.74 -9.48 4.74
C GLN B 157 -24.74 -10.63 4.61
N PRO B 158 -24.94 -11.53 3.64
CA PRO B 158 -23.99 -12.65 3.48
C PRO B 158 -22.62 -12.16 3.06
N LYS B 159 -21.58 -12.74 3.65
CA LYS B 159 -20.21 -12.29 3.37
C LYS B 159 -19.82 -12.45 1.90
N SER B 160 -20.47 -13.37 1.17
CA SER B 160 -20.19 -13.52 -0.25
C SER B 160 -20.65 -12.32 -1.06
N THR B 161 -21.45 -11.44 -0.47
CA THR B 161 -21.89 -10.20 -1.11
C THR B 161 -20.80 -9.13 -1.10
N ILE B 162 -19.76 -9.31 -0.27
CA ILE B 162 -18.62 -8.39 -0.28
C ILE B 162 -17.90 -8.49 -1.62
N THR B 163 -17.74 -7.34 -2.28
CA THR B 163 -17.09 -7.28 -3.59
C THR B 163 -15.67 -6.74 -3.53
N HIS B 164 -15.34 -5.94 -2.52
CA HIS B 164 -14.01 -5.35 -2.40
C HIS B 164 -13.49 -5.52 -0.99
N LEU B 165 -12.18 -5.67 -0.88
CA LEU B 165 -11.49 -5.71 0.40
C LEU B 165 -10.33 -4.73 0.36
N VAL B 166 -10.26 -3.85 1.35
CA VAL B 166 -9.14 -2.96 1.56
C VAL B 166 -8.54 -3.31 2.91
N PHE B 167 -7.27 -3.70 2.93
CA PHE B 167 -6.61 -4.05 4.17
C PHE B 167 -5.48 -3.05 4.41
N CYS B 168 -5.36 -2.56 5.64
CA CYS B 168 -4.45 -1.47 5.95
C CYS B 168 -3.68 -1.79 7.24
N THR B 169 -2.36 -1.73 7.15
CA THR B 169 -1.53 -1.96 8.33
C THR B 169 -0.16 -1.35 8.12
N ARG B 170 0.51 -1.08 9.25
CA ARG B 170 1.92 -0.70 9.24
C ARG B 170 2.77 -1.68 10.04
N SER B 171 2.19 -2.81 10.45
CA SER B 171 2.83 -3.80 11.30
C SER B 171 3.15 -5.04 10.47
N GLY B 172 4.31 -5.01 9.82
CA GLY B 172 4.73 -6.13 9.00
C GLY B 172 4.26 -6.00 7.56
N VAL B 173 4.99 -6.69 6.67
CA VAL B 173 4.67 -6.74 5.24
C VAL B 173 4.98 -8.15 4.75
N ASP B 174 4.32 -8.52 3.66
CA ASP B 174 4.50 -9.85 3.07
C ASP B 174 3.88 -9.85 1.68
N MET B 175 4.30 -10.81 0.86
CA MET B 175 3.80 -10.97 -0.50
C MET B 175 3.50 -12.44 -0.74
N PRO B 176 2.24 -12.83 -0.98
CA PRO B 176 1.05 -11.96 -1.00
C PRO B 176 0.72 -11.41 0.38
N GLY B 177 -0.06 -10.34 0.42
CA GLY B 177 -0.21 -9.56 1.63
C GLY B 177 -1.25 -10.11 2.57
N ALA B 178 -1.55 -9.30 3.59
CA ALA B 178 -2.56 -9.67 4.58
C ALA B 178 -3.96 -9.72 3.98
N ASP B 179 -4.20 -9.00 2.89
CA ASP B 179 -5.50 -9.06 2.22
C ASP B 179 -5.77 -10.47 1.69
N TYR B 180 -4.78 -11.06 1.03
CA TYR B 180 -4.85 -12.44 0.55
C TYR B 180 -5.13 -13.42 1.70
N GLN B 181 -4.37 -13.29 2.79
CA GLN B 181 -4.57 -14.17 3.93
C GLN B 181 -5.97 -14.01 4.51
N LEU B 182 -6.46 -12.76 4.57
CA LEU B 182 -7.79 -12.55 5.12
C LEU B 182 -8.87 -13.15 4.22
N ILE B 183 -8.70 -13.06 2.90
CA ILE B 183 -9.62 -13.75 2.00
C ILE B 183 -9.67 -15.23 2.35
N LYS B 184 -8.51 -15.84 2.56
CA LYS B 184 -8.49 -17.26 2.92
C LYS B 184 -9.17 -17.51 4.26
N LEU B 185 -8.85 -16.69 5.27
CA LEU B 185 -9.35 -16.89 6.63
C LEU B 185 -10.86 -16.70 6.73
N LEU B 186 -11.42 -15.76 5.98
CA LEU B 186 -12.84 -15.46 6.02
C LEU B 186 -13.67 -16.35 5.11
N GLY B 187 -13.05 -17.16 4.26
CA GLY B 187 -13.81 -17.95 3.32
C GLY B 187 -14.46 -17.16 2.22
N LEU B 188 -13.85 -16.07 1.79
CA LEU B 188 -14.36 -15.33 0.64
C LEU B 188 -13.81 -15.91 -0.64
N GLY B 189 -14.36 -15.45 -1.76
CA GLY B 189 -13.95 -15.94 -3.06
C GLY B 189 -12.76 -15.17 -3.61
N PRO B 190 -12.01 -15.79 -4.52
CA PRO B 190 -10.87 -15.10 -5.12
C PRO B 190 -11.24 -13.91 -6.00
N SER B 191 -12.52 -13.74 -6.31
CA SER B 191 -12.97 -12.63 -7.16
C SER B 191 -13.23 -11.36 -6.38
N VAL B 192 -12.93 -11.34 -5.08
CA VAL B 192 -13.00 -10.09 -4.33
C VAL B 192 -11.85 -9.19 -4.77
N GLN B 193 -12.17 -7.94 -5.08
CA GLN B 193 -11.17 -6.99 -5.53
C GLN B 193 -10.41 -6.46 -4.33
N ARG B 194 -9.11 -6.74 -4.27
CA ARG B 194 -8.30 -6.40 -3.10
C ARG B 194 -7.47 -5.16 -3.34
N LEU B 195 -7.25 -4.42 -2.26
CA LEU B 195 -6.26 -3.35 -2.23
C LEU B 195 -5.52 -3.46 -0.89
N MET B 196 -4.21 -3.62 -0.96
CA MET B 196 -3.34 -3.83 0.19
C MET B 196 -2.55 -2.56 0.45
N MET B 197 -2.80 -1.92 1.60
CA MET B 197 -2.17 -0.67 2.00
C MET B 197 -1.22 -0.94 3.17
N TYR B 198 0.06 -1.12 2.84
CA TYR B 198 1.11 -1.37 3.81
C TYR B 198 1.81 -0.08 4.19
N GLN B 199 2.32 -0.05 5.42
CA GLN B 199 3.29 0.95 5.88
C GLN B 199 2.80 2.40 5.71
N GLN B 200 1.56 2.65 6.13
CA GLN B 200 0.97 3.94 5.99
C GLN B 200 1.08 4.79 7.19
N GLY B 201 0.65 4.26 8.30
CA GLY B 201 0.71 4.97 9.52
C GLY B 201 -0.57 5.43 10.12
N CYS B 202 -0.40 6.25 11.09
CA CYS B 202 -1.47 6.77 11.92
C CYS B 202 -2.55 7.47 11.17
N PHE B 203 -2.24 8.14 10.01
CA PHE B 203 -3.29 8.95 9.42
C PHE B 203 -4.26 8.08 8.57
N ALA B 204 -3.97 6.78 8.44
CA ALA B 204 -4.51 5.98 7.35
C ALA B 204 -5.96 5.58 7.55
N GLY B 205 -6.52 5.71 8.75
CA GLY B 205 -7.98 5.56 8.88
C GLY B 205 -8.74 6.52 7.98
N GLY B 206 -8.36 7.79 8.01
CA GLY B 206 -8.93 8.76 7.08
C GLY B 206 -8.66 8.40 5.64
N THR B 207 -7.43 7.93 5.35
CA THR B 207 -7.08 7.50 3.99
C THR B 207 -8.01 6.38 3.51
N MET B 208 -8.29 5.42 4.37
CA MET B 208 -9.13 4.29 3.99
C MET B 208 -10.55 4.75 3.74
N LEU B 209 -11.05 5.68 4.55
CA LEU B 209 -12.36 6.25 4.26
C LEU B 209 -12.35 6.96 2.90
N ARG B 210 -11.30 7.74 2.63
CA ARG B 210 -11.16 8.43 1.34
C ARG B 210 -11.18 7.45 0.17
N LEU B 211 -10.51 6.31 0.33
CA LEU B 211 -10.43 5.33 -0.75
C LEU B 211 -11.76 4.58 -0.91
N ALA B 212 -12.34 4.15 0.21
CA ALA B 212 -13.59 3.40 0.14
C ALA B 212 -14.71 4.23 -0.46
N LYS B 213 -14.71 5.54 -0.22
CA LYS B 213 -15.69 6.43 -0.84
C LYS B 213 -15.69 6.26 -2.37
N ASP B 214 -14.50 6.34 -2.98
CA ASP B 214 -14.41 6.22 -4.44
C ASP B 214 -14.75 4.81 -4.89
N LEU B 215 -14.29 3.79 -4.15
CA LEU B 215 -14.61 2.41 -4.54
C LEU B 215 -16.12 2.17 -4.54
N ALA B 216 -16.83 2.68 -3.52
CA ALA B 216 -18.26 2.42 -3.41
C ALA B 216 -19.08 3.25 -4.39
N GLU B 217 -18.68 4.50 -4.61
CA GLU B 217 -19.53 5.38 -5.40
C GLU B 217 -19.39 5.15 -6.90
N ASN B 218 -18.29 4.54 -7.36
CA ASN B 218 -18.07 4.35 -8.78
C ASN B 218 -18.38 2.92 -9.25
N ASN B 219 -18.77 2.03 -8.35
CA ASN B 219 -19.06 0.65 -8.71
C ASN B 219 -20.44 0.28 -8.17
N LYS B 220 -21.42 0.23 -9.06
CA LYS B 220 -22.80 -0.05 -8.67
C LYS B 220 -22.87 -1.36 -7.90
N GLY B 221 -23.49 -1.31 -6.72
CA GLY B 221 -23.67 -2.48 -5.89
C GLY B 221 -22.47 -2.90 -5.09
N ALA B 222 -21.32 -2.23 -5.22
CA ALA B 222 -20.12 -2.67 -4.55
C ALA B 222 -20.27 -2.58 -3.04
N ARG B 223 -19.73 -3.58 -2.35
CA ARG B 223 -19.67 -3.60 -0.89
C ARG B 223 -18.22 -3.82 -0.48
N ILE B 224 -17.67 -2.87 0.28
CA ILE B 224 -16.26 -2.81 0.60
C ILE B 224 -16.08 -3.18 2.06
N LEU B 225 -15.33 -4.25 2.31
CA LEU B 225 -14.83 -4.55 3.64
C LEU B 225 -13.50 -3.83 3.81
N VAL B 226 -13.46 -2.86 4.74
CA VAL B 226 -12.25 -2.10 5.04
C VAL B 226 -11.76 -2.54 6.41
N ILE B 227 -10.48 -2.87 6.50
CA ILE B 227 -9.89 -3.38 7.73
C ILE B 227 -8.61 -2.59 8.02
N CYS B 228 -8.52 -2.03 9.22
CA CYS B 228 -7.29 -1.44 9.74
C CYS B 228 -6.84 -2.26 10.92
N ALA B 229 -5.69 -2.92 10.80
CA ALA B 229 -5.19 -3.80 11.86
C ALA B 229 -3.77 -3.42 12.23
N GLU B 230 -3.52 -3.18 13.51
CA GLU B 230 -2.24 -2.65 13.96
C GLU B 230 -1.78 -3.36 15.22
N SER B 231 -0.46 -3.47 15.35
CA SER B 231 0.18 -4.04 16.52
C SER B 231 1.47 -3.30 16.83
N SER B 232 1.67 -2.97 18.10
CA SER B 232 2.91 -2.37 18.57
C SER B 232 4.08 -3.35 18.55
N ALA B 233 3.84 -4.62 18.22
CA ALA B 233 4.92 -5.60 18.16
C ALA B 233 5.96 -5.25 17.10
N ILE B 234 5.60 -4.41 16.13
CA ILE B 234 6.55 -4.01 15.10
C ILE B 234 7.60 -3.06 15.66
N GLY B 235 7.30 -2.36 16.75
CA GLY B 235 8.21 -1.37 17.29
C GLY B 235 8.58 -1.53 18.75
N PHE B 236 8.14 -2.61 19.38
CA PHE B 236 8.48 -2.86 20.78
C PHE B 236 9.98 -3.14 20.92
N ARG B 237 10.60 -2.51 21.90
CA ARG B 237 12.02 -2.75 22.17
C ARG B 237 12.33 -2.29 23.58
N GLY B 238 13.43 -2.83 24.12
CA GLY B 238 13.89 -2.46 25.43
C GLY B 238 14.30 -1.01 25.53
N PRO B 239 14.48 -0.52 26.75
CA PRO B 239 14.83 0.89 26.94
C PRO B 239 16.33 1.12 26.79
N SER B 240 16.68 2.38 26.59
CA SER B 240 18.08 2.76 26.38
C SER B 240 18.26 4.21 26.80
N GLU B 241 19.24 4.46 27.67
CA GLU B 241 19.54 5.81 28.09
C GLU B 241 20.09 6.66 26.95
N SER B 242 20.65 6.04 25.91
CA SER B 242 21.09 6.78 24.75
C SER B 242 19.93 7.27 23.89
N HIS B 243 18.74 6.66 24.05
CA HIS B 243 17.57 6.95 23.21
C HIS B 243 16.33 7.03 24.10
N VAL B 244 16.27 8.09 24.91
CA VAL B 244 15.19 8.22 25.88
C VAL B 244 13.86 8.50 25.19
N ASP B 245 13.88 9.23 24.06
CA ASP B 245 12.63 9.61 23.41
C ASP B 245 11.86 8.39 22.90
N ASN B 246 12.54 7.27 22.60
CA ASN B 246 11.83 6.07 22.20
C ASN B 246 10.89 5.58 23.29
N LEU B 247 11.17 5.90 24.55
CA LEU B 247 10.28 5.55 25.63
C LEU B 247 8.85 6.04 25.36
N VAL B 248 8.73 7.22 24.75
CA VAL B 248 7.41 7.73 24.39
C VAL B 248 6.64 6.68 23.60
N ALA B 249 7.25 6.16 22.55
CA ALA B 249 6.59 5.13 21.76
C ALA B 249 6.21 3.93 22.61
N GLN B 250 7.12 3.49 23.51
CA GLN B 250 6.84 2.31 24.31
C GLN B 250 5.68 2.54 25.27
N ALA B 251 5.35 3.80 25.56
CA ALA B 251 4.21 4.09 26.40
C ALA B 251 2.92 4.26 25.62
N LEU B 252 3.00 4.49 24.30
CA LEU B 252 1.86 4.95 23.54
C LEU B 252 1.08 3.85 22.85
N PHE B 253 1.76 2.92 22.20
CA PHE B 253 1.15 2.10 21.18
C PHE B 253 0.53 0.83 21.73
N GLY B 254 -0.67 0.51 21.23
CA GLY B 254 -1.35 -0.72 21.57
C GLY B 254 -1.78 -1.45 20.29
N ASP B 255 -2.48 -2.55 20.49
CA ASP B 255 -2.86 -3.44 19.40
C ASP B 255 -4.37 -3.45 19.23
N GLY B 256 -4.81 -3.57 17.97
CA GLY B 256 -6.22 -3.66 17.69
C GLY B 256 -6.55 -3.62 16.20
N ALA B 257 -7.77 -4.05 15.86
CA ALA B 257 -8.22 -4.03 14.49
C ALA B 257 -9.65 -3.52 14.45
N ALA B 258 -9.96 -2.76 13.41
CA ALA B 258 -11.31 -2.26 13.15
C ALA B 258 -11.69 -2.59 11.72
N ALA B 259 -12.98 -2.84 11.52
CA ALA B 259 -13.52 -3.19 10.22
C ALA B 259 -14.80 -2.42 9.98
N ILE B 260 -14.97 -1.91 8.77
CA ILE B 260 -16.21 -1.27 8.40
C ILE B 260 -16.67 -1.85 7.08
N ILE B 261 -17.99 -1.80 6.87
CA ILE B 261 -18.58 -2.11 5.58
C ILE B 261 -19.03 -0.80 4.95
N VAL B 262 -18.58 -0.54 3.72
CA VAL B 262 -18.89 0.69 3.02
C VAL B 262 -19.63 0.37 1.72
N GLY B 263 -20.68 1.13 1.44
CA GLY B 263 -21.46 0.91 0.24
C GLY B 263 -22.37 2.08 -0.07
N SER B 264 -22.70 2.28 -1.34
CA SER B 264 -23.73 3.23 -1.75
C SER B 264 -25.03 2.50 -2.03
N ASN B 265 -26.14 3.25 -1.96
CA ASN B 265 -27.48 2.79 -2.28
C ASN B 265 -27.90 1.64 -1.36
N PRO B 266 -28.25 1.93 -0.11
CA PRO B 266 -28.53 0.85 0.85
C PRO B 266 -29.85 0.15 0.55
N LYS B 267 -29.89 -1.15 0.80
CA LYS B 267 -31.10 -1.93 0.57
C LYS B 267 -32.14 -1.59 1.63
N PRO B 268 -33.32 -1.10 1.23
CA PRO B 268 -34.32 -0.71 2.24
C PRO B 268 -34.77 -1.90 3.07
N GLY B 269 -34.87 -1.68 4.38
CA GLY B 269 -35.27 -2.72 5.30
C GLY B 269 -34.29 -3.85 5.51
N LEU B 270 -33.12 -3.79 4.88
CA LEU B 270 -32.07 -4.79 5.09
C LEU B 270 -30.78 -4.20 5.63
N GLU B 271 -30.33 -3.08 5.07
CA GLU B 271 -29.14 -2.40 5.53
C GLU B 271 -29.53 -1.15 6.31
N LYS B 272 -28.78 -0.86 7.35
CA LYS B 272 -29.04 0.30 8.22
C LYS B 272 -27.80 1.18 8.25
N PRO B 273 -27.74 2.22 7.44
CA PRO B 273 -26.54 3.08 7.41
C PRO B 273 -26.25 3.67 8.78
N VAL B 274 -24.96 3.78 9.09
CA VAL B 274 -24.50 4.34 10.35
C VAL B 274 -23.96 5.76 10.17
N PHE B 275 -23.13 5.97 9.15
CA PHE B 275 -22.63 7.29 8.81
C PHE B 275 -22.57 7.41 7.30
N GLU B 276 -22.46 8.66 6.84
CA GLU B 276 -22.26 8.95 5.43
C GLU B 276 -20.90 9.63 5.29
N ILE B 277 -20.11 9.20 4.31
CA ILE B 277 -18.83 9.83 4.02
C ILE B 277 -19.13 10.96 3.04
N VAL B 278 -19.24 12.18 3.58
CA VAL B 278 -19.60 13.32 2.74
C VAL B 278 -18.44 13.72 1.85
N SER B 279 -17.23 13.79 2.41
CA SER B 279 -16.05 14.18 1.66
C SER B 279 -14.82 13.74 2.42
N ALA B 280 -13.69 13.68 1.71
CA ALA B 280 -12.44 13.24 2.29
C ALA B 280 -11.29 13.89 1.54
N ALA B 281 -10.39 14.54 2.29
CA ALA B 281 -9.26 15.23 1.68
C ALA B 281 -8.02 15.10 2.55
N GLN B 282 -6.88 14.95 1.89
CA GLN B 282 -5.58 14.81 2.52
C GLN B 282 -4.74 16.04 2.23
N THR B 283 -3.84 16.35 3.17
CA THR B 283 -2.81 17.36 2.98
C THR B 283 -1.63 16.99 3.87
N PHE B 284 -0.59 17.81 3.84
CA PHE B 284 0.45 17.67 4.85
C PHE B 284 1.11 19.01 5.08
N VAL B 285 1.72 19.15 6.26
CA VAL B 285 2.50 20.34 6.60
C VAL B 285 3.89 20.22 5.99
N PRO B 286 4.32 21.18 5.19
CA PRO B 286 5.65 21.10 4.58
C PRO B 286 6.75 20.95 5.63
N ASN B 287 7.73 20.11 5.31
CA ASN B 287 8.82 19.71 6.21
C ASN B 287 8.35 18.84 7.37
N GLY B 288 7.18 18.21 7.23
CA GLY B 288 6.68 17.35 8.29
C GLY B 288 7.53 16.11 8.53
N ASP B 289 8.28 15.67 7.51
CA ASP B 289 9.13 14.50 7.69
C ASP B 289 10.27 14.75 8.67
N CYS B 290 10.69 16.02 8.85
CA CYS B 290 11.70 16.33 9.86
C CYS B 290 11.18 16.23 11.27
N HIS B 291 9.85 16.19 11.45
CA HIS B 291 9.25 16.15 12.77
C HIS B 291 8.63 14.80 13.12
N LEU B 292 8.16 14.05 12.14
CA LEU B 292 7.50 12.77 12.41
C LEU B 292 7.85 11.80 11.29
N ALA B 293 8.60 10.75 11.62
CA ALA B 293 9.02 9.76 10.65
C ALA B 293 9.29 8.45 11.37
N LEU B 294 9.11 7.34 10.64
CA LEU B 294 9.34 6.00 11.17
C LEU B 294 9.95 5.17 10.06
N HIS B 295 11.04 4.45 10.36
CA HIS B 295 11.78 3.69 9.36
C HIS B 295 11.77 2.22 9.73
N LEU B 296 11.63 1.36 8.71
CA LEU B 296 11.67 -0.08 8.91
C LEU B 296 13.11 -0.56 8.70
N ARG B 297 13.71 -1.09 9.77
CA ARG B 297 15.11 -1.48 9.78
C ARG B 297 15.25 -2.93 10.24
N GLU B 298 16.49 -3.41 10.31
CA GLU B 298 16.71 -4.75 10.84
C GLU B 298 16.28 -4.87 12.30
N MET B 299 16.22 -3.76 13.02
CA MET B 299 15.73 -3.71 14.39
C MET B 299 14.22 -3.50 14.47
N GLY B 300 13.50 -3.63 13.36
CA GLY B 300 12.08 -3.34 13.38
C GLY B 300 11.78 -1.89 13.04
N LEU B 301 10.64 -1.39 13.53
CA LEU B 301 10.20 -0.04 13.20
C LEU B 301 10.79 0.95 14.19
N THR B 302 11.45 1.99 13.68
CA THR B 302 11.99 3.06 14.50
C THR B 302 10.97 4.19 14.63
N PHE B 303 11.30 5.17 15.47
CA PHE B 303 10.33 6.20 15.85
C PHE B 303 11.06 7.53 16.03
N HIS B 304 10.72 8.52 15.21
CA HIS B 304 11.28 9.87 15.31
C HIS B 304 10.12 10.85 15.41
N CYS B 305 10.01 11.54 16.54
CA CYS B 305 8.88 12.42 16.80
C CYS B 305 9.37 13.59 17.66
N THR B 306 9.47 14.78 17.07
CA THR B 306 9.97 15.93 17.80
C THR B 306 8.86 16.53 18.68
N LYS B 307 9.28 17.37 19.62
CA LYS B 307 8.31 18.01 20.51
C LYS B 307 7.42 19.01 19.77
N ASP B 308 7.81 19.41 18.55
CA ASP B 308 7.04 20.35 17.75
C ASP B 308 5.74 19.78 17.22
N VAL B 309 5.54 18.46 17.26
CA VAL B 309 4.46 17.80 16.53
C VAL B 309 3.09 18.24 17.03
N PRO B 310 2.75 18.13 18.31
CA PRO B 310 1.39 18.50 18.74
C PRO B 310 1.06 19.94 18.42
N PRO B 311 1.93 20.92 18.74
CA PRO B 311 1.57 22.31 18.39
C PRO B 311 1.46 22.55 16.90
N THR B 312 2.29 21.89 16.07
CA THR B 312 2.18 22.08 14.63
C THR B 312 0.87 21.53 14.08
N ILE B 313 0.49 20.32 14.53
CA ILE B 313 -0.78 19.74 14.11
C ILE B 313 -1.94 20.64 14.51
N ALA B 314 -1.98 21.02 15.79
CA ALA B 314 -3.07 21.87 16.27
C ALA B 314 -3.11 23.19 15.51
N LYS B 315 -1.94 23.73 15.20
CA LYS B 315 -1.83 24.96 14.42
C LYS B 315 -2.45 24.80 13.04
N ASN B 316 -2.36 23.62 12.45
CA ASN B 316 -2.77 23.45 11.06
C ASN B 316 -4.17 22.87 10.87
N VAL B 317 -4.84 22.40 11.94
CA VAL B 317 -6.13 21.72 11.68
C VAL B 317 -7.23 22.69 11.23
N GLU B 318 -7.18 23.96 11.62
CA GLU B 318 -8.32 24.82 11.32
C GLU B 318 -8.44 25.10 9.82
N SER B 319 -7.31 25.23 9.11
CA SER B 319 -7.40 25.43 7.67
C SER B 319 -7.96 24.19 6.95
N CYS B 320 -7.65 22.98 7.45
CA CYS B 320 -8.27 21.78 6.90
C CYS B 320 -9.78 21.79 7.14
N LEU B 321 -10.19 22.15 8.36
CA LEU B 321 -11.62 22.25 8.67
C LEU B 321 -12.31 23.23 7.75
N THR B 322 -11.71 24.40 7.56
CA THR B 322 -12.31 25.42 6.71
C THR B 322 -12.44 24.92 5.28
N LYS B 323 -11.36 24.36 4.73
CA LYS B 323 -11.40 23.85 3.36
C LYS B 323 -12.47 22.78 3.18
N ALA B 324 -12.70 21.95 4.21
CA ALA B 324 -13.68 20.88 4.06
C ALA B 324 -15.11 21.34 4.29
N LEU B 325 -15.33 22.31 5.18
CA LEU B 325 -16.67 22.61 5.65
C LEU B 325 -17.26 23.91 5.10
N GLU B 326 -16.43 24.83 4.60
CA GLU B 326 -16.97 26.03 3.97
C GLU B 326 -17.90 25.74 2.79
N PRO B 327 -17.60 24.81 1.88
CA PRO B 327 -18.56 24.53 0.80
C PRO B 327 -19.89 24.00 1.30
N LEU B 328 -19.95 23.45 2.52
CA LEU B 328 -21.21 23.02 3.11
C LEU B 328 -21.87 24.11 3.94
N GLY B 329 -21.25 25.29 4.03
CA GLY B 329 -21.80 26.37 4.82
C GLY B 329 -21.72 26.19 6.31
N ILE B 330 -20.72 25.45 6.80
CA ILE B 330 -20.51 25.24 8.22
C ILE B 330 -19.22 25.94 8.63
N SER B 331 -19.27 26.72 9.71
CA SER B 331 -18.09 27.36 10.24
C SER B 331 -17.95 27.26 11.76
N ASP B 332 -18.99 26.79 12.45
CA ASP B 332 -19.00 26.64 13.90
C ASP B 332 -18.58 25.21 14.24
N TRP B 333 -17.33 25.05 14.68
CA TRP B 333 -16.80 23.71 14.92
C TRP B 333 -17.50 23.00 16.08
N ASN B 334 -18.18 23.72 16.96
CA ASN B 334 -18.92 23.07 18.03
C ASN B 334 -20.30 22.58 17.57
N SER B 335 -20.73 22.93 16.37
CA SER B 335 -21.96 22.38 15.83
C SER B 335 -21.77 20.98 15.26
N LEU B 336 -20.56 20.43 15.33
CA LEU B 336 -20.22 19.13 14.78
C LEU B 336 -19.96 18.12 15.89
N PHE B 337 -20.16 16.83 15.57
CA PHE B 337 -19.55 15.79 16.38
C PHE B 337 -18.15 15.51 15.87
N TRP B 338 -17.30 14.98 16.75
CA TRP B 338 -15.86 14.95 16.51
C TRP B 338 -15.28 13.56 16.67
N ILE B 339 -14.39 13.20 15.74
CA ILE B 339 -13.53 12.03 15.85
C ILE B 339 -12.11 12.52 15.58
N LEU B 340 -11.24 12.45 16.58
CA LEU B 340 -9.87 12.89 16.44
C LEU B 340 -8.93 11.72 16.69
N HIS B 341 -7.92 11.57 15.83
CA HIS B 341 -6.91 10.56 16.06
C HIS B 341 -6.13 10.92 17.32
N PRO B 342 -6.15 10.10 18.37
CA PRO B 342 -5.47 10.49 19.62
C PRO B 342 -4.00 10.09 19.59
N GLY B 343 -3.22 10.77 18.75
CA GLY B 343 -1.80 10.46 18.65
C GLY B 343 -1.10 10.58 19.99
N GLY B 344 -1.58 11.47 20.84
CA GLY B 344 -1.17 11.55 22.22
C GLY B 344 -2.12 12.49 22.92
N ASN B 345 -2.17 12.37 24.25
CA ASN B 345 -3.10 13.20 25.00
C ASN B 345 -2.80 14.68 24.78
N ALA B 346 -1.53 15.03 24.60
CA ALA B 346 -1.18 16.42 24.36
C ALA B 346 -1.84 16.96 23.11
N ILE B 347 -1.88 16.17 22.04
CA ILE B 347 -2.49 16.63 20.80
C ILE B 347 -4.00 16.80 20.98
N VAL B 348 -4.64 15.89 21.71
CA VAL B 348 -6.06 16.03 21.98
C VAL B 348 -6.34 17.35 22.70
N ASP B 349 -5.58 17.61 23.78
CA ASP B 349 -5.77 18.83 24.54
C ASP B 349 -5.49 20.07 23.67
N GLN B 350 -4.45 20.02 22.85
CA GLN B 350 -4.06 21.20 22.09
C GLN B 350 -5.01 21.48 20.94
N VAL B 351 -5.56 20.45 20.30
CA VAL B 351 -6.59 20.69 19.30
C VAL B 351 -7.83 21.27 19.96
N GLU B 352 -8.24 20.70 21.11
CA GLU B 352 -9.38 21.25 21.83
C GLU B 352 -9.18 22.73 22.14
N ASN B 353 -8.00 23.09 22.65
CA ASN B 353 -7.76 24.47 23.05
C ASN B 353 -7.61 25.40 21.84
N LYS B 354 -6.94 24.94 20.79
CA LYS B 354 -6.74 25.80 19.62
C LYS B 354 -8.05 26.07 18.90
N LEU B 355 -8.95 25.09 18.85
CA LEU B 355 -10.21 25.27 18.14
C LEU B 355 -11.33 25.78 19.02
N GLY B 356 -11.13 25.83 20.34
CA GLY B 356 -12.19 26.25 21.24
C GLY B 356 -13.35 25.27 21.31
N LEU B 357 -13.06 23.98 21.34
CA LEU B 357 -14.12 22.98 21.42
C LEU B 357 -14.59 22.80 22.85
N GLU B 358 -15.89 22.62 23.02
CA GLU B 358 -16.42 22.23 24.32
C GLU B 358 -15.75 20.94 24.76
N HIS B 359 -15.49 20.82 26.06
CA HIS B 359 -14.63 19.76 26.55
C HIS B 359 -15.18 18.36 26.22
N GLU B 360 -16.49 18.22 26.06
CA GLU B 360 -17.04 16.89 25.82
C GLU B 360 -16.97 16.45 24.37
N LYS B 361 -16.65 17.36 23.44
CA LYS B 361 -16.60 16.99 22.03
C LYS B 361 -15.65 15.82 21.79
N LEU B 362 -14.49 15.82 22.45
CA LEU B 362 -13.50 14.78 22.25
C LEU B 362 -13.62 13.64 23.27
N ARG B 363 -14.77 13.55 23.95
CA ARG B 363 -14.94 12.50 24.95
C ARG B 363 -14.74 11.12 24.34
N ALA B 364 -15.40 10.84 23.22
CA ALA B 364 -15.24 9.54 22.59
C ALA B 364 -13.77 9.27 22.27
N THR B 365 -13.09 10.28 21.72
CA THR B 365 -11.66 10.13 21.45
C THR B 365 -10.92 9.72 22.71
N ARG B 366 -11.12 10.49 23.78
CA ARG B 366 -10.42 10.19 25.03
C ARG B 366 -10.77 8.79 25.53
N ASN B 367 -12.04 8.41 25.41
CA ASN B 367 -12.42 7.07 25.88
C ASN B 367 -11.56 6.01 25.21
N ILE B 368 -11.43 6.10 23.88
CA ILE B 368 -10.68 5.08 23.17
C ILE B 368 -9.22 5.12 23.59
N LEU B 369 -8.65 6.32 23.70
CA LEU B 369 -7.28 6.41 24.17
C LEU B 369 -7.14 5.72 25.52
N ARG B 370 -8.05 6.06 26.44
CA ARG B 370 -8.00 5.50 27.78
C ARG B 370 -8.04 3.98 27.73
N ASP B 371 -8.91 3.42 26.91
CA ASP B 371 -9.10 1.98 26.97
C ASP B 371 -8.18 1.22 26.05
N PHE B 372 -7.46 1.90 25.15
CA PHE B 372 -6.70 1.09 24.19
C PHE B 372 -5.35 1.65 23.82
N GLY B 373 -5.05 2.90 24.15
CA GLY B 373 -3.83 3.50 23.68
C GLY B 373 -3.90 3.80 22.20
N ASN B 374 -2.73 4.13 21.65
CA ASN B 374 -2.62 4.51 20.25
C ASN B 374 -2.51 3.25 19.42
N MET B 375 -3.61 2.86 18.76
CA MET B 375 -3.63 1.74 17.83
C MET B 375 -3.47 2.19 16.38
N SER B 376 -2.78 3.30 16.16
CA SER B 376 -2.42 3.79 14.83
C SER B 376 -3.68 3.96 13.98
N SER B 377 -3.70 3.48 12.74
CA SER B 377 -4.79 3.80 11.82
C SER B 377 -6.14 3.30 12.30
N ALA B 378 -6.18 2.29 13.18
CA ALA B 378 -7.46 1.76 13.66
C ALA B 378 -8.18 2.72 14.60
N CYS B 379 -7.44 3.63 15.25
CA CYS B 379 -8.03 4.44 16.33
C CYS B 379 -9.32 5.11 15.91
N VAL B 380 -9.28 5.90 14.83
CA VAL B 380 -10.44 6.68 14.43
C VAL B 380 -11.65 5.78 14.21
N LEU B 381 -11.41 4.58 13.66
CA LEU B 381 -12.54 3.68 13.43
C LEU B 381 -13.13 3.20 14.75
N PHE B 382 -12.26 2.81 15.70
CA PHE B 382 -12.73 2.55 17.05
C PHE B 382 -13.56 3.72 17.55
N ILE B 383 -13.06 4.94 17.35
CA ILE B 383 -13.75 6.10 17.89
C ILE B 383 -15.12 6.26 17.22
N LEU B 384 -15.18 5.99 15.91
CA LEU B 384 -16.48 6.01 15.24
C LEU B 384 -17.46 5.12 15.97
N ASP B 385 -17.06 3.86 16.20
CA ASP B 385 -17.94 2.93 16.91
C ASP B 385 -18.33 3.53 18.26
N GLU B 386 -17.33 4.04 19.00
CA GLU B 386 -17.62 4.57 20.33
C GLU B 386 -18.62 5.70 20.25
N ILE B 387 -18.44 6.61 19.29
CA ILE B 387 -19.32 7.78 19.29
C ILE B 387 -20.73 7.34 18.95
N ARG B 388 -20.86 6.25 18.19
CA ARG B 388 -22.19 5.72 17.90
C ARG B 388 -22.75 5.03 19.14
N LYS B 389 -21.92 4.20 19.80
CA LYS B 389 -22.38 3.49 21.00
C LYS B 389 -22.74 4.47 22.09
N LYS B 390 -21.86 5.44 22.34
CA LYS B 390 -22.15 6.50 23.31
C LYS B 390 -23.48 7.16 22.98
N SER B 391 -23.73 7.42 21.69
CA SER B 391 -24.98 8.07 21.32
C SER B 391 -26.18 7.23 21.73
N ALA B 392 -26.07 5.91 21.61
CA ALA B 392 -27.17 5.04 22.04
C ALA B 392 -27.32 5.06 23.56
N ARG B 393 -26.19 5.11 24.28
CA ARG B 393 -26.30 5.05 25.74
C ARG B 393 -26.96 6.30 26.30
N ASP B 394 -26.68 7.45 25.69
CA ASP B 394 -27.25 8.72 26.12
C ASP B 394 -28.67 8.95 25.61
N GLY B 395 -29.25 7.99 24.88
CA GLY B 395 -30.59 8.17 24.35
C GLY B 395 -30.72 9.25 23.30
N LEU B 396 -29.64 9.54 22.57
CA LEU B 396 -29.67 10.56 21.54
C LEU B 396 -30.19 9.99 20.22
N LYS B 397 -30.62 10.88 19.33
CA LYS B 397 -31.40 10.51 18.17
C LYS B 397 -30.57 10.25 16.91
N THR B 398 -29.29 10.61 16.88
CA THR B 398 -28.44 10.27 15.75
C THR B 398 -27.17 9.59 16.24
N THR B 399 -26.52 8.87 15.32
CA THR B 399 -25.25 8.22 15.60
C THR B 399 -24.12 9.20 15.87
N GLY B 400 -24.33 10.49 15.62
CA GLY B 400 -23.32 11.50 15.90
C GLY B 400 -23.70 12.41 17.05
N GLU B 401 -24.04 11.82 18.19
CA GLU B 401 -24.36 12.57 19.42
C GLU B 401 -25.53 13.52 19.21
N GLY B 402 -26.51 13.08 18.44
CA GLY B 402 -27.67 13.90 18.14
C GLY B 402 -27.43 14.99 17.11
N LEU B 403 -26.22 15.14 16.60
CA LEU B 403 -25.93 16.13 15.58
C LEU B 403 -25.92 15.51 14.19
N ASP B 404 -26.03 16.36 13.17
CA ASP B 404 -26.11 15.90 11.79
C ASP B 404 -24.73 15.75 11.14
N PHE B 405 -23.90 16.78 11.19
CA PHE B 405 -22.59 16.77 10.54
C PHE B 405 -21.50 16.58 11.58
N GLY B 406 -20.45 15.86 11.16
CA GLY B 406 -19.30 15.65 12.01
C GLY B 406 -18.05 15.61 11.16
N VAL B 407 -16.90 15.59 11.84
CA VAL B 407 -15.62 15.59 11.17
C VAL B 407 -14.71 14.55 11.83
N LEU B 408 -14.02 13.78 11.00
CA LEU B 408 -13.02 12.83 11.45
C LEU B 408 -11.68 13.36 10.97
N LEU B 409 -10.77 13.60 11.90
CA LEU B 409 -9.47 14.19 11.59
C LEU B 409 -8.37 13.28 12.11
N SER B 410 -7.50 12.84 11.21
CA SER B 410 -6.38 11.99 11.55
C SER B 410 -5.09 12.60 11.00
N PHE B 411 -3.97 12.14 11.56
CA PHE B 411 -2.67 12.70 11.20
C PHE B 411 -1.61 11.65 11.47
N GLY B 412 -0.46 11.81 10.81
CA GLY B 412 0.59 10.81 10.90
C GLY B 412 1.89 11.23 10.25
N PRO B 413 2.71 10.24 9.89
CA PRO B 413 4.07 10.53 9.38
C PRO B 413 4.09 11.58 8.28
N GLY B 414 5.08 12.47 8.36
CA GLY B 414 5.19 13.58 7.44
C GLY B 414 4.33 14.76 7.81
N LEU B 415 3.68 14.73 8.97
CA LEU B 415 2.59 15.65 9.30
C LEU B 415 1.53 15.64 8.19
N THR B 416 1.24 14.44 7.70
CA THR B 416 0.08 14.22 6.85
C THR B 416 -1.19 14.38 7.68
N ILE B 417 -2.20 15.04 7.11
CA ILE B 417 -3.48 15.23 7.78
C ILE B 417 -4.60 14.78 6.85
N GLU B 418 -5.47 13.91 7.35
CA GLU B 418 -6.66 13.47 6.64
C GLU B 418 -7.90 14.08 7.29
N THR B 419 -8.77 14.68 6.49
CA THR B 419 -9.98 15.33 6.97
C THR B 419 -11.18 14.70 6.27
N VAL B 420 -12.05 14.08 7.04
CA VAL B 420 -13.25 13.41 6.53
C VAL B 420 -14.47 14.07 7.15
N VAL B 421 -15.38 14.58 6.31
CA VAL B 421 -16.67 15.09 6.77
C VAL B 421 -17.67 13.94 6.77
N LEU B 422 -18.35 13.77 7.89
CA LEU B 422 -19.32 12.69 8.08
C LEU B 422 -20.70 13.27 8.29
N HIS B 423 -21.73 12.49 7.95
CA HIS B 423 -23.10 12.81 8.30
C HIS B 423 -23.66 11.67 9.12
N SER B 424 -24.35 11.99 10.21
CA SER B 424 -24.91 10.97 11.08
C SER B 424 -26.15 10.34 10.43
N LYS B 425 -26.68 9.31 11.09
CA LYS B 425 -27.87 8.60 10.66
C LYS B 425 -28.78 8.38 11.86
N PRO B 426 -30.06 8.14 11.64
CA PRO B 426 -30.96 7.85 12.78
C PRO B 426 -30.47 6.67 13.59
N ILE B 427 -30.53 6.81 14.92
CA ILE B 427 -29.88 5.90 15.85
C ILE B 427 -30.44 4.48 15.75
C2 B7X C . 14.14 -23.93 -9.48
C4 B7X C . 14.47 -23.75 -11.77
C5 B7X C . 13.34 -23.06 -11.86
C6 B7X C . 12.62 -22.80 -10.78
C8 B7X C . 14.20 -23.24 -13.80
C1' B7X C . 16.24 -24.54 -13.36
C2' B7X C . 15.94 -25.66 -14.35
C3' B7X C . 17.16 -25.67 -15.24
C4' B7X C . 17.45 -24.18 -15.34
C5' B7X C . 16.78 -23.45 -16.52
CAZ B7X C . 10.99 -23.15 -18.55
CBA B7X C . 11.19 -23.05 -17.06
CBB B7X C . 9.89 -22.63 -16.41
CBC B7X C . 12.33 -22.08 -16.79
CBD B7X C . 11.58 -24.39 -16.48
CBE B7X C . 10.07 -21.93 -15.09
CBI B7X C . 10.84 -19.74 -14.13
CBJ B7X C . 10.49 -18.29 -14.56
CBK B7X C . 9.36 -17.70 -13.73
CBN B7X C . 8.54 -15.93 -12.32
CBO B7X C . 9.03 -14.56 -11.82
CBW B7X C . 7.56 -12.16 -11.16
CBX B7X C . 7.72 -11.17 -10.02
CBZ B7X C . 7.98 -9.18 -7.62
CCC B7X C . 6.62 -11.02 -8.97
CCD B7X C . 6.88 -10.25 -7.67
N1 B7X C . 12.99 -23.22 -9.60
N3 B7X C . 14.88 -24.18 -10.59
N6 B7X C . 11.51 -22.11 -10.93
N7 B7X C . 13.18 -22.75 -13.12
N9 B7X C . 15.00 -23.84 -12.96
NBH B7X C . 10.58 -20.69 -15.22
NBL B7X C . 9.58 -16.58 -13.13
O2' B7X C . 15.69 -26.89 -13.68
O3' B7X C . 18.31 -26.26 -14.63
O4' B7X C . 16.92 -23.60 -14.11
O5' B7X C . 16.58 -24.21 -17.68
OAS B7X C . 14.97 -25.42 -19.40
OAT B7X C . 14.20 -24.67 -17.09
OAU B7X C . 14.70 -22.84 -18.93
OAV B7X C . 12.22 -23.47 -19.19
OAX B7X C . 13.47 -22.48 -21.12
OAY B7X C . 12.86 -21.08 -19.23
OBF B7X C . 8.98 -23.72 -16.22
OBG B7X C . 9.73 -22.48 -14.05
OBM B7X C . 8.29 -18.25 -13.66
OBS B7X C . 18.40 -28.04 -16.43
OBU B7X C . 19.79 -28.17 -14.37
OBV B7X C . 20.40 -26.50 -16.18
OBY B7X C . 7.31 -11.76 -12.27
OCA B7X C . 9.14 -9.42 -7.91
OCB B7X C . 7.67 -8.09 -7.24
OCE B7X C . 5.55 -11.52 -9.14
PAR B7X C . 15.07 -24.32 -18.22
PAW B7X C . 13.35 -22.45 -19.68
PBT B7X C . 19.31 -27.17 -15.47
SBP B7X C . 7.79 -13.79 -10.75
C2 B7X D . 11.23 13.16 23.76
C4 B7X D . 9.41 13.73 25.13
C5 B7X D . 8.71 13.95 24.02
C6 B7X D . 9.24 13.78 22.81
C8 B7X D . 7.47 14.33 25.71
C1' B7X D . 8.90 13.88 27.69
C2' B7X D . 9.11 15.26 28.28
C3' B7X D . 8.85 15.07 29.74
C4' B7X D . 7.99 13.84 29.76
C5' B7X D . 6.65 14.24 30.38
CAZ B7X D . 5.29 16.44 26.36
CBA B7X D . 4.37 16.44 25.14
CBB B7X D . 5.09 16.75 23.79
CBC B7X D . 3.38 17.62 25.29
CBD B7X D . 3.61 15.12 25.15
CBE B7X D . 5.26 15.69 22.69
CBI B7X D . 4.67 13.61 21.58
CBJ B7X D . 3.65 13.86 20.49
CBK B7X D . 3.05 12.54 20.19
CBN B7X D . 2.40 10.99 18.54
CBO B7X D . 2.24 10.93 17.06
CBW B7X D . 1.25 8.85 15.93
CBX B7X D . 1.35 7.53 15.27
CBZ B7X D . 2.27 4.95 13.38
CCC B7X D . 1.73 7.55 13.78
CCD B7X D . 2.64 6.44 13.17
N1 B7X D . 10.50 13.38 22.64
N3 B7X D . 10.66 13.34 25.02
N6 B7X D . 8.46 14.02 21.77
N7 B7X D . 7.50 14.32 24.39
N9 B7X D . 8.64 13.95 26.19
NBH B7X D . 4.49 14.60 22.64
NBL B7X D . 2.95 12.26 18.94
O2' B7X D . 10.43 15.64 28.13
O3' B7X D . 10.10 14.83 30.43
O4' B7X D . 7.75 13.51 28.38
O5' B7X D . 6.18 15.43 29.70
OAS B7X D . 6.50 17.23 29.25
OAT B7X D . 5.83 16.46 31.66
OAU B7X D . 4.24 15.71 29.70
OAV B7X D . 4.63 16.90 27.57
OAX B7X D . 2.32 17.08 28.61
OAY B7X D . 2.91 14.79 27.73
OBF B7X D . 6.40 17.24 24.04
OBG B7X D . 6.11 15.87 21.83
OBM B7X D . 2.73 11.81 21.09
OBS B7X D . 11.30 16.20 32.07
OBU B7X D . 11.33 13.69 32.16
OBV B7X D . 9.34 14.92 33.00
OBY B7X D . 0.23 9.49 15.97
OCA B7X D . 2.55 4.41 14.42
OCB B7X D . 1.75 4.33 12.49
OCE B7X D . 1.33 8.41 13.05
PAR B7X D . 5.41 16.70 30.25
PAW B7X D . 3.42 16.13 28.43
PBT B7X D . 10.41 14.92 32.02
SBP B7X D . 2.52 9.22 16.53
#